data_8BK3
#
_entry.id   8BK3
#
_cell.length_a   60.933
_cell.length_b   95.057
_cell.length_c   75.535
_cell.angle_alpha   90.00
_cell.angle_beta   92.60
_cell.angle_gamma   90.00
#
_symmetry.space_group_name_H-M   'P 1 21 1'
#
loop_
_entity.id
_entity.type
_entity.pdbx_description
1 polymer 'L,D-transpeptidase 2'
2 non-polymer 1-[(2~{S},3~{R})-3-phenyloxiran-2-yl]ethanone
3 non-polymer 'NITRATE ION'
4 non-polymer GLYCEROL
5 non-polymer 1,2-ETHANEDIOL
6 non-polymer 'DIMETHYL SULFOXIDE'
7 water water
#
_entity_poly.entity_id   1
_entity_poly.type   'polypeptide(L)'
_entity_poly.pdbx_seq_one_letter_code
;QSDLLVPKLTASVTDGAVGVTVDAPVSVTAADGVLAAVTMVNDNGRPVAGRLSPDGLRWSTTEQLGYNRRYTLNATALGL
GGAATRQLTFQTSSPAHLTMPYVMPGDGEVVGVGEPVAIRFDENIADRGAAEKAIKITTNPPVEGAFYWLNNREVRWRPE
HFWKPGTAVDVAVNTYGVDLGEGMFGEDNVQTHFTIGDEVIATADDNTKILTVRVNGEVVKSMPTSMGKDSTPTANGIYI
VGSRYKHIIMDSSTYGVPVNSPNGYRTDVDWATQISYSGVFVHSAPWSVGAQGHTNTSHGCLNVSPSNAQWFYDHVKRGD
IVEVVNTVGGTLPGIDGLGDWNIPWDQWRAGNAKA
;
_entity_poly.pdbx_strand_id   A,B
#
# COMPACT_ATOMS: atom_id res chain seq x y z
N ASP A 3 4.23 34.79 27.93
CA ASP A 3 4.64 34.02 26.75
C ASP A 3 4.62 32.52 27.03
N LEU A 4 3.57 31.84 26.55
CA LEU A 4 3.38 30.42 26.75
C LEU A 4 2.98 29.77 25.43
N LEU A 5 2.83 28.44 25.45
CA LEU A 5 2.47 27.70 24.25
C LEU A 5 0.95 27.67 24.07
N VAL A 6 0.51 27.75 22.82
CA VAL A 6 -0.91 27.72 22.47
C VAL A 6 -1.25 26.31 22.02
N PRO A 7 -2.35 25.72 22.50
CA PRO A 7 -2.66 24.34 22.11
C PRO A 7 -2.89 24.23 20.60
N LYS A 8 -2.46 23.10 20.04
CA LYS A 8 -2.64 22.79 18.63
C LYS A 8 -3.63 21.65 18.47
N LEU A 9 -4.29 21.61 17.33
CA LEU A 9 -5.29 20.59 17.01
C LEU A 9 -4.90 19.87 15.73
N THR A 10 -5.00 18.54 15.76
CA THR A 10 -4.65 17.70 14.64
C THR A 10 -5.76 16.67 14.45
N ALA A 11 -6.40 16.68 13.29
CA ALA A 11 -7.48 15.76 12.96
C ALA A 11 -7.04 14.81 11.86
N SER A 12 -7.68 13.63 11.83
CA SER A 12 -7.40 12.65 10.80
C SER A 12 -8.12 12.96 9.48
N VAL A 13 -8.86 14.06 9.43
CA VAL A 13 -9.52 14.51 8.20
C VAL A 13 -9.17 15.98 7.98
N THR A 14 -9.32 16.41 6.73
CA THR A 14 -9.10 17.79 6.33
C THR A 14 -10.44 18.49 6.15
N ASP A 15 -10.52 19.75 6.58
CA ASP A 15 -11.70 20.55 6.29
C ASP A 15 -11.87 20.67 4.78
N GLY A 16 -13.07 20.45 4.31
CA GLY A 16 -13.35 20.46 2.89
C GLY A 16 -13.00 19.19 2.14
N ALA A 17 -12.52 18.16 2.83
CA ALA A 17 -12.13 16.92 2.16
C ALA A 17 -13.35 16.17 1.67
N VAL A 18 -13.21 15.52 0.51
CA VAL A 18 -14.28 14.75 -0.10
C VAL A 18 -13.76 13.35 -0.39
N GLY A 19 -14.68 12.40 -0.44
CA GLY A 19 -14.29 11.02 -0.67
C GLY A 19 -13.53 10.39 0.48
N VAL A 20 -13.75 10.88 1.69
CA VAL A 20 -13.09 10.28 2.85
C VAL A 20 -13.59 8.86 3.04
N THR A 21 -12.65 7.92 3.22
CA THR A 21 -13.00 6.51 3.37
C THR A 21 -13.44 6.23 4.80
N VAL A 22 -14.41 5.33 4.93
CA VAL A 22 -14.98 5.01 6.23
C VAL A 22 -14.42 3.70 6.79
N ASP A 23 -13.24 3.30 6.33
CA ASP A 23 -12.57 2.09 6.83
C ASP A 23 -11.69 2.37 8.04
N ALA A 24 -11.72 3.59 8.58
CA ALA A 24 -10.92 3.97 9.73
C ALA A 24 -11.71 4.94 10.60
N PRO A 25 -11.47 4.94 11.90
CA PRO A 25 -12.08 5.97 12.75
C PRO A 25 -11.55 7.36 12.41
N VAL A 26 -12.35 8.35 12.76
CA VAL A 26 -11.94 9.75 12.66
C VAL A 26 -11.43 10.21 14.02
N SER A 27 -10.24 10.78 14.04
CA SER A 27 -9.60 11.18 15.29
C SER A 27 -9.27 12.66 15.26
N VAL A 28 -9.08 13.23 16.46
CA VAL A 28 -8.64 14.61 16.63
C VAL A 28 -7.73 14.61 17.85
N THR A 29 -6.59 15.27 17.73
CA THR A 29 -5.54 15.21 18.75
C THR A 29 -5.14 16.60 19.18
N ALA A 30 -4.84 16.75 20.47
CA ALA A 30 -4.42 18.02 21.05
C ALA A 30 -2.97 17.92 21.48
N ALA A 31 -2.19 18.94 21.14
CA ALA A 31 -0.80 19.08 21.56
C ALA A 31 -0.64 20.38 22.34
N ASP A 32 0.19 20.34 23.37
CA ASP A 32 0.40 21.50 24.24
C ASP A 32 -0.93 21.92 24.88
N GLY A 33 -1.74 20.94 25.23
CA GLY A 33 -3.03 21.22 25.83
C GLY A 33 -3.89 19.96 25.84
N VAL A 34 -5.14 20.16 26.22
CA VAL A 34 -6.10 19.06 26.33
C VAL A 34 -7.36 19.44 25.56
N LEU A 35 -8.10 18.41 25.14
CA LEU A 35 -9.37 18.61 24.45
C LEU A 35 -10.47 18.86 25.47
N ALA A 36 -11.09 20.03 25.40
CA ALA A 36 -12.13 20.40 26.35
C ALA A 36 -13.52 20.02 25.84
N ALA A 37 -13.70 19.94 24.53
CA ALA A 37 -14.99 19.57 23.96
C ALA A 37 -14.77 19.09 22.54
N VAL A 38 -15.34 17.94 22.20
CA VAL A 38 -15.26 17.38 20.86
C VAL A 38 -16.63 16.83 20.51
N THR A 39 -17.24 17.35 19.45
CA THR A 39 -18.52 16.88 18.96
C THR A 39 -18.44 16.61 17.47
N MET A 40 -19.36 15.77 16.98
N MET A 40 -19.31 15.72 17.00
CA MET A 40 -19.41 15.43 15.56
CA MET A 40 -19.42 15.45 15.57
C MET A 40 -20.84 15.02 15.21
C MET A 40 -20.87 15.08 15.27
N VAL A 41 -21.42 15.67 14.21
CA VAL A 41 -22.78 15.40 13.77
C VAL A 41 -22.74 15.15 12.27
N ASN A 42 -23.79 14.50 11.78
CA ASN A 42 -23.93 14.21 10.36
C ASN A 42 -24.79 15.29 9.70
N ASP A 43 -25.01 15.12 8.38
CA ASP A 43 -25.77 16.10 7.63
C ASP A 43 -27.18 16.32 8.19
N ASN A 44 -27.70 15.39 8.99
CA ASN A 44 -28.90 15.63 9.79
C ASN A 44 -28.48 16.32 11.08
N GLY A 45 -29.08 15.93 12.20
CA GLY A 45 -28.66 16.48 13.48
C GLY A 45 -28.03 15.45 14.39
N ARG A 46 -28.15 14.18 14.02
CA ARG A 46 -27.77 13.09 14.91
C ARG A 46 -26.28 13.15 15.23
N PRO A 47 -25.89 13.03 16.50
CA PRO A 47 -24.46 13.03 16.83
C PRO A 47 -23.81 11.69 16.57
N VAL A 48 -22.49 11.73 16.41
CA VAL A 48 -21.66 10.56 16.18
C VAL A 48 -21.03 10.14 17.50
N ALA A 49 -21.05 8.84 17.78
CA ALA A 49 -20.53 8.34 19.04
C ALA A 49 -19.01 8.41 19.04
N GLY A 50 -18.44 8.80 20.18
CA GLY A 50 -17.00 8.93 20.30
C GLY A 50 -16.56 8.78 21.73
N ARG A 51 -15.24 8.73 21.92
CA ARG A 51 -14.64 8.56 23.23
C ARG A 51 -13.37 9.38 23.32
N LEU A 52 -13.12 9.94 24.50
CA LEU A 52 -11.93 10.73 24.77
C LEU A 52 -11.03 9.96 25.72
N SER A 53 -9.73 9.98 25.45
CA SER A 53 -8.78 9.29 26.30
C SER A 53 -8.71 9.96 27.67
N PRO A 54 -8.42 9.18 28.72
CA PRO A 54 -8.31 9.79 30.05
C PRO A 54 -7.39 11.01 30.11
N ASP A 55 -6.26 10.97 29.42
CA ASP A 55 -5.34 12.10 29.45
C ASP A 55 -5.87 13.31 28.68
N GLY A 56 -7.00 13.18 28.00
CA GLY A 56 -7.60 14.33 27.33
C GLY A 56 -6.91 14.79 26.09
N LEU A 57 -6.05 13.97 25.50
CA LEU A 57 -5.29 14.37 24.32
C LEU A 57 -5.84 13.77 23.03
N ARG A 58 -6.58 12.67 23.10
CA ARG A 58 -6.97 11.90 21.92
C ARG A 58 -8.46 11.60 21.98
N TRP A 59 -9.18 11.99 20.93
CA TRP A 59 -10.58 11.67 20.76
C TRP A 59 -10.78 10.91 19.46
N SER A 60 -11.65 9.91 19.49
CA SER A 60 -11.92 9.09 18.31
C SER A 60 -13.38 8.72 18.28
N THR A 61 -13.88 8.47 17.07
CA THR A 61 -15.22 7.93 16.91
C THR A 61 -15.24 6.46 17.32
N THR A 62 -16.36 6.03 17.90
CA THR A 62 -16.48 4.67 18.44
C THR A 62 -17.53 3.84 17.69
N GLU A 63 -18.21 4.40 16.70
CA GLU A 63 -19.07 3.66 15.80
C GLU A 63 -18.58 3.88 14.38
N GLN A 64 -19.03 3.03 13.46
CA GLN A 64 -18.60 3.15 12.08
C GLN A 64 -19.35 4.29 11.40
N LEU A 65 -18.66 5.04 10.56
CA LEU A 65 -19.25 6.15 9.83
C LEU A 65 -19.85 5.63 8.53
N GLY A 66 -20.93 6.27 8.10
CA GLY A 66 -21.66 5.79 6.96
C GLY A 66 -21.21 6.37 5.63
N TYR A 67 -21.65 5.70 4.55
CA TYR A 67 -21.40 6.21 3.21
C TYR A 67 -22.30 7.42 2.92
N ASN A 68 -21.87 8.23 1.95
CA ASN A 68 -22.70 9.30 1.41
C ASN A 68 -23.16 10.24 2.53
N ARG A 69 -22.25 10.55 3.44
CA ARG A 69 -22.55 11.41 4.57
C ARG A 69 -21.64 12.63 4.56
N ARG A 70 -22.17 13.77 4.98
CA ARG A 70 -21.42 15.01 5.21
C ARG A 70 -21.35 15.21 6.72
N TYR A 71 -20.17 15.04 7.30
CA TYR A 71 -19.99 15.18 8.73
C TYR A 71 -19.37 16.54 9.08
N THR A 72 -19.72 17.05 10.26
CA THR A 72 -19.19 18.32 10.77
C THR A 72 -18.56 18.10 12.12
N LEU A 73 -17.30 18.48 12.27
CA LEU A 73 -16.50 18.18 13.46
C LEU A 73 -16.10 19.49 14.13
N ASN A 74 -16.49 19.64 15.38
CA ASN A 74 -16.12 20.80 16.20
C ASN A 74 -15.26 20.32 17.36
N ALA A 75 -14.12 20.98 17.55
CA ALA A 75 -13.20 20.62 18.62
C ALA A 75 -12.63 21.87 19.26
N THR A 76 -12.52 21.85 20.58
CA THR A 76 -11.94 22.94 21.34
C THR A 76 -10.84 22.38 22.24
N ALA A 77 -9.72 23.09 22.31
CA ALA A 77 -8.56 22.68 23.09
C ALA A 77 -8.15 23.79 24.03
N LEU A 78 -7.89 23.44 25.28
CA LEU A 78 -7.49 24.39 26.29
C LEU A 78 -6.09 24.06 26.80
N GLY A 79 -5.47 25.04 27.44
CA GLY A 79 -4.15 24.87 28.01
C GLY A 79 -3.79 26.07 28.84
N LEU A 80 -2.63 25.98 29.50
CA LEU A 80 -2.16 27.10 30.29
C LEU A 80 -1.88 28.32 29.43
N GLY A 81 -1.49 28.12 28.18
CA GLY A 81 -1.08 29.19 27.29
C GLY A 81 -2.12 29.65 26.28
N GLY A 82 -3.36 29.24 26.41
CA GLY A 82 -4.41 29.75 25.54
C GLY A 82 -5.39 28.65 25.18
N ALA A 83 -6.19 28.94 24.15
CA ALA A 83 -7.23 28.05 23.67
C ALA A 83 -7.24 28.06 22.15
N ALA A 84 -7.84 27.03 21.56
CA ALA A 84 -7.95 26.91 20.12
C ALA A 84 -9.18 26.10 19.76
N THR A 85 -9.93 26.57 18.77
CA THR A 85 -11.14 25.93 18.30
C THR A 85 -11.08 25.77 16.79
N ARG A 86 -11.61 24.65 16.29
CA ARG A 86 -11.63 24.37 14.87
C ARG A 86 -12.92 23.67 14.50
N GLN A 87 -13.50 24.06 13.37
CA GLN A 87 -14.67 23.41 12.79
C GLN A 87 -14.27 22.80 11.46
N LEU A 88 -14.54 21.51 11.28
CA LEU A 88 -14.17 20.80 10.06
C LEU A 88 -15.40 20.07 9.51
N THR A 89 -15.55 20.13 8.19
CA THR A 89 -16.64 19.45 7.49
C THR A 89 -16.05 18.64 6.34
N PHE A 90 -16.50 17.39 6.20
CA PHE A 90 -15.98 16.52 5.16
C PHE A 90 -17.09 15.58 4.71
N GLN A 91 -16.92 15.07 3.49
CA GLN A 91 -17.85 14.11 2.90
C GLN A 91 -17.18 12.75 2.77
N THR A 92 -17.92 11.69 3.08
CA THR A 92 -17.41 10.34 3.00
C THR A 92 -17.65 9.76 1.61
N SER A 93 -17.08 8.57 1.38
CA SER A 93 -17.20 7.90 0.08
C SER A 93 -18.66 7.79 -0.35
N SER A 94 -18.88 7.90 -1.66
CA SER A 94 -20.19 7.72 -2.27
C SER A 94 -20.12 6.57 -3.25
N PRO A 95 -20.37 5.33 -2.80
CA PRO A 95 -20.19 4.18 -3.69
C PRO A 95 -21.14 4.23 -4.89
N ALA A 96 -20.64 3.73 -6.02
CA ALA A 96 -21.52 3.44 -7.15
C ALA A 96 -22.36 2.18 -6.89
N HIS A 97 -21.76 1.16 -6.27
N HIS A 97 -21.74 1.15 -6.31
CA HIS A 97 -22.46 -0.06 -5.94
CA HIS A 97 -22.40 -0.09 -5.98
C HIS A 97 -21.87 -0.62 -4.67
C HIS A 97 -21.88 -0.59 -4.64
N LEU A 98 -22.62 -1.52 -4.03
CA LEU A 98 -22.18 -2.18 -2.82
C LEU A 98 -22.09 -3.68 -3.07
N THR A 99 -21.12 -4.34 -2.42
CA THR A 99 -20.98 -5.79 -2.48
C THR A 99 -20.74 -6.36 -1.08
N MET A 100 -21.39 -7.49 -0.78
CA MET A 100 -21.28 -8.11 0.53
C MET A 100 -20.48 -9.41 0.43
N PRO A 101 -19.48 -9.62 1.28
CA PRO A 101 -18.76 -10.89 1.25
C PRO A 101 -19.41 -11.94 2.13
N TYR A 102 -19.10 -13.20 1.81
CA TYR A 102 -19.51 -14.37 2.57
C TYR A 102 -18.30 -15.27 2.70
N VAL A 103 -18.05 -15.78 3.90
N VAL A 103 -18.08 -15.80 3.90
CA VAL A 103 -16.86 -16.57 4.18
CA VAL A 103 -16.89 -16.57 4.23
C VAL A 103 -17.26 -17.97 4.62
C VAL A 103 -17.28 -17.99 4.62
N MET A 104 -16.53 -18.96 4.11
CA MET A 104 -16.60 -20.36 4.51
C MET A 104 -15.19 -20.80 4.85
N PRO A 105 -15.02 -21.73 5.80
CA PRO A 105 -16.05 -22.44 6.59
C PRO A 105 -16.72 -21.55 7.63
N GLY A 106 -17.75 -22.07 8.29
CA GLY A 106 -18.45 -21.31 9.28
C GLY A 106 -17.63 -21.06 10.53
N ASP A 107 -17.98 -19.98 11.24
CA ASP A 107 -17.24 -19.61 12.43
C ASP A 107 -17.39 -20.68 13.50
N GLY A 108 -16.25 -21.11 14.03
CA GLY A 108 -16.22 -22.15 15.03
C GLY A 108 -16.14 -23.55 14.48
N GLU A 109 -16.27 -23.72 13.16
CA GLU A 109 -16.25 -25.06 12.60
C GLU A 109 -14.92 -25.75 12.82
N VAL A 110 -14.95 -27.09 12.81
CA VAL A 110 -13.77 -27.94 12.75
C VAL A 110 -13.81 -28.65 11.40
N VAL A 111 -12.79 -28.42 10.58
CA VAL A 111 -12.81 -28.87 9.20
C VAL A 111 -11.57 -29.69 8.89
N GLY A 112 -11.63 -30.42 7.77
CA GLY A 112 -10.54 -31.28 7.37
C GLY A 112 -9.35 -30.51 6.84
N VAL A 113 -8.29 -31.26 6.57
CA VAL A 113 -7.00 -30.67 6.23
C VAL A 113 -6.96 -30.04 4.85
N GLY A 114 -8.01 -30.25 4.04
CA GLY A 114 -8.05 -29.67 2.70
C GLY A 114 -8.99 -28.50 2.52
N GLU A 115 -9.56 -27.98 3.61
CA GLU A 115 -10.51 -26.89 3.51
C GLU A 115 -9.77 -25.58 3.24
N PRO A 116 -10.01 -24.94 2.10
CA PRO A 116 -9.45 -23.61 1.87
C PRO A 116 -10.29 -22.54 2.54
N VAL A 117 -9.64 -21.41 2.84
CA VAL A 117 -10.39 -20.21 3.22
C VAL A 117 -11.08 -19.67 1.97
N ALA A 118 -12.36 -19.37 2.08
CA ALA A 118 -13.15 -18.90 0.96
C ALA A 118 -13.80 -17.56 1.29
N ILE A 119 -13.65 -16.60 0.39
CA ILE A 119 -14.32 -15.30 0.48
C ILE A 119 -15.08 -15.11 -0.82
N ARG A 120 -16.41 -15.15 -0.76
CA ARG A 120 -17.27 -14.99 -1.92
C ARG A 120 -18.04 -13.68 -1.82
N PHE A 121 -17.92 -12.84 -2.85
CA PHE A 121 -18.69 -11.61 -2.96
C PHE A 121 -19.92 -11.86 -3.83
N ASP A 122 -20.95 -11.04 -3.63
CA ASP A 122 -22.16 -11.13 -4.44
C ASP A 122 -22.13 -10.23 -5.66
N GLU A 123 -20.99 -9.62 -5.96
CA GLU A 123 -20.80 -8.82 -7.16
C GLU A 123 -19.42 -9.14 -7.73
N ASN A 124 -19.21 -8.82 -9.00
CA ASN A 124 -17.90 -8.97 -9.61
C ASN A 124 -16.93 -7.96 -9.02
N ILE A 125 -15.70 -8.38 -8.79
CA ILE A 125 -14.68 -7.57 -8.16
C ILE A 125 -13.72 -7.04 -9.22
N ALA A 126 -13.77 -5.74 -9.49
CA ALA A 126 -12.91 -5.15 -10.50
C ALA A 126 -11.47 -5.02 -10.02
N ASP A 127 -11.25 -4.87 -8.72
CA ASP A 127 -9.92 -4.65 -8.16
C ASP A 127 -9.63 -5.79 -7.18
N ARG A 128 -9.16 -6.91 -7.74
CA ARG A 128 -8.90 -8.08 -6.91
C ARG A 128 -7.79 -7.81 -5.90
N GLY A 129 -6.78 -7.05 -6.31
CA GLY A 129 -5.72 -6.72 -5.37
C GLY A 129 -6.23 -6.02 -4.14
N ALA A 130 -7.16 -5.09 -4.33
CA ALA A 130 -7.73 -4.38 -3.18
C ALA A 130 -8.50 -5.33 -2.28
N ALA A 131 -9.20 -6.30 -2.86
CA ALA A 131 -9.89 -7.30 -2.05
C ALA A 131 -8.91 -8.14 -1.25
N GLU A 132 -7.81 -8.54 -1.87
CA GLU A 132 -6.82 -9.35 -1.17
C GLU A 132 -6.17 -8.56 -0.05
N LYS A 133 -5.82 -7.29 -0.31
CA LYS A 133 -5.26 -6.45 0.73
C LYS A 133 -6.20 -6.33 1.92
N ALA A 134 -7.51 -6.32 1.69
CA ALA A 134 -8.48 -6.15 2.75
C ALA A 134 -8.71 -7.41 3.58
N ILE A 135 -8.19 -8.56 3.15
CA ILE A 135 -8.42 -9.83 3.82
C ILE A 135 -7.15 -10.18 4.61
N LYS A 136 -7.29 -10.29 5.93
CA LYS A 136 -6.20 -10.62 6.84
C LYS A 136 -6.44 -12.03 7.39
N ILE A 137 -5.49 -12.93 7.14
CA ILE A 137 -5.61 -14.33 7.52
C ILE A 137 -4.46 -14.68 8.44
N THR A 138 -4.79 -15.04 9.68
CA THR A 138 -3.81 -15.50 10.66
C THR A 138 -3.89 -17.01 10.80
N THR A 139 -2.74 -17.64 11.02
CA THR A 139 -2.66 -19.08 11.17
C THR A 139 -1.72 -19.42 12.31
N ASN A 140 -2.11 -20.38 13.13
CA ASN A 140 -1.32 -20.83 14.27
C ASN A 140 -1.29 -22.35 14.26
N PRO A 141 -0.15 -22.99 13.97
CA PRO A 141 1.15 -22.41 13.60
C PRO A 141 1.12 -21.69 12.26
N PRO A 142 1.90 -20.60 12.13
CA PRO A 142 1.87 -19.84 10.87
C PRO A 142 2.38 -20.65 9.69
N VAL A 143 1.78 -20.43 8.53
CA VAL A 143 2.08 -21.17 7.32
C VAL A 143 1.76 -20.25 6.15
N GLU A 144 2.57 -20.31 5.10
CA GLU A 144 2.34 -19.45 3.95
C GLU A 144 1.22 -20.02 3.10
N GLY A 145 0.25 -19.17 2.76
CA GLY A 145 -0.74 -19.43 1.76
C GLY A 145 -0.72 -18.30 0.75
N ALA A 146 -1.64 -18.37 -0.19
CA ALA A 146 -1.76 -17.35 -1.22
C ALA A 146 -3.21 -17.30 -1.68
N PHE A 147 -3.57 -16.17 -2.28
CA PHE A 147 -4.90 -15.96 -2.81
C PHE A 147 -4.94 -16.43 -4.25
N TYR A 148 -6.07 -17.04 -4.63
CA TYR A 148 -6.30 -17.42 -6.01
C TYR A 148 -7.80 -17.34 -6.27
N TRP A 149 -8.17 -16.75 -7.39
CA TRP A 149 -9.56 -16.48 -7.72
C TRP A 149 -10.11 -17.61 -8.59
N LEU A 150 -11.20 -18.23 -8.13
CA LEU A 150 -11.85 -19.26 -8.92
C LEU A 150 -12.69 -18.66 -10.04
N ASN A 151 -13.22 -17.45 -9.82
CA ASN A 151 -14.02 -16.72 -10.80
C ASN A 151 -13.92 -15.23 -10.43
N ASN A 152 -14.84 -14.43 -10.94
CA ASN A 152 -14.81 -13.00 -10.66
C ASN A 152 -15.27 -12.63 -9.26
N ARG A 153 -15.90 -13.56 -8.53
CA ARG A 153 -16.56 -13.22 -7.27
C ARG A 153 -16.00 -13.93 -6.06
N GLU A 154 -15.35 -15.09 -6.23
CA GLU A 154 -14.87 -15.85 -5.09
C GLU A 154 -13.37 -16.00 -5.14
N VAL A 155 -12.70 -15.79 -4.00
CA VAL A 155 -11.25 -15.92 -3.91
C VAL A 155 -10.96 -16.91 -2.79
N ARG A 156 -9.90 -17.69 -2.95
CA ARG A 156 -9.55 -18.77 -2.03
C ARG A 156 -8.14 -18.56 -1.52
N TRP A 157 -7.90 -19.02 -0.31
CA TRP A 157 -6.61 -18.92 0.35
C TRP A 157 -6.27 -20.25 0.98
N ARG A 158 -5.11 -20.81 0.64
CA ARG A 158 -4.69 -22.09 1.17
C ARG A 158 -3.18 -22.18 1.16
N PRO A 159 -2.60 -23.07 1.95
CA PRO A 159 -1.13 -23.28 1.90
C PRO A 159 -0.73 -24.18 0.75
N GLU A 160 0.59 -24.41 0.65
CA GLU A 160 1.13 -25.27 -0.40
C GLU A 160 0.64 -26.72 -0.23
N HIS A 161 0.79 -27.27 0.97
CA HIS A 161 0.37 -28.62 1.28
C HIS A 161 -0.87 -28.55 2.15
N PHE A 162 -1.47 -29.72 2.40
CA PHE A 162 -2.65 -29.80 3.25
C PHE A 162 -2.35 -29.21 4.62
N TRP A 163 -3.38 -28.66 5.25
CA TRP A 163 -3.21 -28.09 6.58
C TRP A 163 -2.66 -29.14 7.53
N LYS A 164 -1.96 -28.67 8.56
CA LYS A 164 -1.56 -29.53 9.66
C LYS A 164 -2.70 -29.62 10.67
N PRO A 165 -3.09 -30.82 11.11
CA PRO A 165 -4.14 -30.92 12.13
C PRO A 165 -3.82 -30.05 13.33
N GLY A 166 -4.85 -29.40 13.86
CA GLY A 166 -4.71 -28.55 15.02
C GLY A 166 -4.45 -27.09 14.70
N THR A 167 -4.26 -26.74 13.44
CA THR A 167 -4.00 -25.36 13.08
C THR A 167 -5.23 -24.49 13.34
N ALA A 168 -5.04 -23.35 13.98
CA ALA A 168 -6.09 -22.36 14.14
C ALA A 168 -6.00 -21.34 13.01
N VAL A 169 -7.14 -21.02 12.41
CA VAL A 169 -7.21 -20.09 11.29
C VAL A 169 -8.19 -18.99 11.65
N ASP A 170 -7.79 -17.75 11.40
CA ASP A 170 -8.61 -16.58 11.68
C ASP A 170 -8.70 -15.73 10.42
N VAL A 171 -9.92 -15.41 10.00
CA VAL A 171 -10.15 -14.65 8.78
C VAL A 171 -10.89 -13.37 9.12
N ALA A 172 -10.34 -12.23 8.70
CA ALA A 172 -10.98 -10.94 8.87
C ALA A 172 -10.99 -10.25 7.52
N VAL A 173 -12.17 -10.11 6.94
CA VAL A 173 -12.35 -9.43 5.65
C VAL A 173 -12.81 -8.02 6.02
N ASN A 174 -11.86 -7.09 6.09
CA ASN A 174 -12.12 -5.70 6.48
C ASN A 174 -12.31 -4.90 5.20
N THR A 175 -13.53 -5.00 4.65
CA THR A 175 -13.85 -4.49 3.32
C THR A 175 -14.82 -3.31 3.35
N TYR A 176 -15.41 -3.00 4.49
CA TYR A 176 -16.24 -1.81 4.60
C TYR A 176 -15.39 -0.55 4.45
N GLY A 177 -15.83 0.34 3.56
CA GLY A 177 -15.08 1.54 3.27
C GLY A 177 -13.92 1.35 2.32
N VAL A 178 -13.74 0.15 1.79
CA VAL A 178 -12.66 -0.16 0.86
C VAL A 178 -13.22 -0.10 -0.55
N ASP A 179 -12.54 0.65 -1.42
CA ASP A 179 -12.91 0.74 -2.83
C ASP A 179 -12.44 -0.52 -3.54
N LEU A 180 -13.37 -1.41 -3.88
CA LEU A 180 -13.06 -2.67 -4.55
C LEU A 180 -13.08 -2.52 -6.06
N GLY A 181 -12.94 -1.31 -6.57
CA GLY A 181 -12.86 -1.08 -8.00
C GLY A 181 -14.17 -0.59 -8.61
N GLU A 182 -14.08 0.42 -9.46
CA GLU A 182 -15.22 0.92 -10.22
C GLU A 182 -16.35 1.36 -9.28
N GLY A 183 -15.97 1.99 -8.16
CA GLY A 183 -16.95 2.51 -7.24
C GLY A 183 -17.68 1.50 -6.39
N MET A 184 -17.27 0.24 -6.44
N MET A 184 -17.25 0.24 -6.42
CA MET A 184 -17.89 -0.82 -5.64
CA MET A 184 -17.91 -0.81 -5.63
C MET A 184 -17.19 -0.85 -4.27
C MET A 184 -17.22 -0.91 -4.28
N PHE A 185 -17.96 -0.64 -3.22
CA PHE A 185 -17.45 -0.65 -1.86
C PHE A 185 -18.07 -1.79 -1.08
N GLY A 186 -17.33 -2.30 -0.09
CA GLY A 186 -17.84 -3.38 0.73
C GLY A 186 -19.02 -2.94 1.56
N GLU A 187 -20.03 -3.80 1.62
CA GLU A 187 -21.22 -3.48 2.40
C GLU A 187 -20.93 -3.57 3.90
N ASP A 188 -20.07 -4.50 4.30
CA ASP A 188 -19.79 -4.71 5.72
C ASP A 188 -18.53 -5.55 5.83
N ASN A 189 -18.02 -5.65 7.06
CA ASN A 189 -16.92 -6.54 7.36
C ASN A 189 -17.45 -7.89 7.84
N VAL A 190 -16.60 -8.91 7.71
CA VAL A 190 -16.91 -10.25 8.22
C VAL A 190 -15.68 -10.77 8.94
N GLN A 191 -15.91 -11.71 9.85
CA GLN A 191 -14.88 -12.13 10.80
C GLN A 191 -15.25 -13.54 11.27
N THR A 192 -14.48 -14.53 10.82
CA THR A 192 -14.73 -15.92 11.18
C THR A 192 -13.45 -16.61 11.61
N HIS A 193 -13.61 -17.76 12.25
CA HIS A 193 -12.49 -18.50 12.82
C HIS A 193 -12.85 -19.98 12.79
N PHE A 194 -11.86 -20.82 12.52
CA PHE A 194 -12.09 -22.26 12.47
C PHE A 194 -10.80 -22.99 12.82
N THR A 195 -10.89 -24.32 12.87
CA THR A 195 -9.79 -25.18 13.29
C THR A 195 -9.72 -26.39 12.38
N ILE A 196 -8.48 -26.86 12.13
CA ILE A 196 -8.24 -28.04 11.31
C ILE A 196 -8.31 -29.27 12.20
N GLY A 197 -9.11 -30.25 11.80
CA GLY A 197 -9.29 -31.47 12.56
C GLY A 197 -8.35 -32.58 12.14
N ASP A 198 -8.81 -33.82 12.34
CA ASP A 198 -7.99 -34.97 12.00
C ASP A 198 -7.76 -35.03 10.51
N GLU A 199 -6.66 -35.68 10.13
CA GLU A 199 -6.37 -35.94 8.71
C GLU A 199 -7.21 -37.11 8.25
N VAL A 200 -8.06 -36.88 7.25
CA VAL A 200 -8.92 -37.91 6.68
C VAL A 200 -8.78 -37.83 5.17
N ILE A 201 -8.22 -38.88 4.56
CA ILE A 201 -7.96 -38.92 3.12
C ILE A 201 -8.52 -40.23 2.58
N ALA A 202 -9.48 -40.13 1.67
CA ALA A 202 -10.08 -41.27 1.01
C ALA A 202 -9.58 -41.35 -0.43
N THR A 203 -9.15 -42.54 -0.85
CA THR A 203 -8.58 -42.74 -2.17
C THR A 203 -9.40 -43.77 -2.93
N ALA A 204 -9.92 -43.37 -4.09
CA ALA A 204 -10.68 -44.24 -4.98
C ALA A 204 -9.77 -44.59 -6.16
N ASP A 205 -9.35 -45.85 -6.23
CA ASP A 205 -8.43 -46.31 -7.26
C ASP A 205 -9.21 -47.09 -8.30
N ASP A 206 -9.21 -46.58 -9.54
CA ASP A 206 -9.95 -47.24 -10.60
C ASP A 206 -9.39 -48.62 -10.91
N ASN A 207 -8.11 -48.85 -10.65
CA ASN A 207 -7.52 -50.16 -10.91
C ASN A 207 -8.17 -51.23 -10.04
N THR A 208 -8.44 -50.90 -8.78
CA THR A 208 -9.08 -51.84 -7.87
C THR A 208 -10.58 -51.61 -7.73
N LYS A 209 -11.07 -50.43 -8.11
CA LYS A 209 -12.47 -50.05 -7.91
C LYS A 209 -12.82 -50.07 -6.42
N ILE A 210 -11.88 -49.64 -5.58
CA ILE A 210 -12.04 -49.63 -4.14
C ILE A 210 -11.82 -48.20 -3.63
N LEU A 211 -12.61 -47.80 -2.64
CA LEU A 211 -12.50 -46.51 -1.99
C LEU A 211 -12.05 -46.71 -0.55
N THR A 212 -10.77 -46.39 -0.28
CA THR A 212 -10.15 -46.64 1.01
C THR A 212 -10.10 -45.35 1.81
N VAL A 213 -10.65 -45.37 3.02
CA VAL A 213 -10.65 -44.21 3.90
C VAL A 213 -9.50 -44.36 4.89
N ARG A 214 -8.65 -43.33 4.98
CA ARG A 214 -7.51 -43.35 5.88
C ARG A 214 -7.67 -42.20 6.87
N VAL A 215 -7.62 -42.51 8.16
CA VAL A 215 -7.70 -41.54 9.24
C VAL A 215 -6.33 -41.52 9.91
N ASN A 216 -5.68 -40.35 9.88
CA ASN A 216 -4.35 -40.21 10.47
C ASN A 216 -3.37 -41.22 9.86
N GLY A 217 -3.58 -41.59 8.61
CA GLY A 217 -2.65 -42.43 7.90
C GLY A 217 -2.88 -43.93 8.04
N GLU A 218 -4.01 -44.34 8.61
N GLU A 218 -4.03 -44.32 8.60
CA GLU A 218 -4.30 -45.75 8.78
CA GLU A 218 -4.36 -45.71 8.84
C GLU A 218 -5.67 -46.06 8.21
C GLU A 218 -5.69 -46.03 8.17
N VAL A 219 -5.76 -47.19 7.51
CA VAL A 219 -6.98 -47.60 6.84
C VAL A 219 -8.02 -47.94 7.90
N VAL A 220 -9.18 -47.30 7.82
CA VAL A 220 -10.28 -47.61 8.71
C VAL A 220 -11.50 -48.16 7.98
N LYS A 221 -11.58 -48.01 6.66
CA LYS A 221 -12.73 -48.49 5.91
C LYS A 221 -12.30 -48.70 4.47
N SER A 222 -12.69 -49.84 3.89
CA SER A 222 -12.43 -50.18 2.49
C SER A 222 -13.76 -50.44 1.82
N MET A 223 -14.15 -49.54 0.91
CA MET A 223 -15.48 -49.58 0.33
C MET A 223 -15.42 -49.97 -1.14
N PRO A 224 -16.04 -51.07 -1.56
CA PRO A 224 -16.21 -51.30 -3.00
C PRO A 224 -17.03 -50.18 -3.62
N THR A 225 -16.63 -49.74 -4.81
CA THR A 225 -17.27 -48.60 -5.43
C THR A 225 -17.39 -48.81 -6.94
N SER A 226 -18.37 -48.12 -7.52
CA SER A 226 -18.55 -48.06 -8.97
C SER A 226 -18.61 -46.60 -9.37
N MET A 227 -17.65 -46.18 -10.19
CA MET A 227 -17.52 -44.78 -10.60
C MET A 227 -18.13 -44.59 -11.99
N GLY A 228 -17.88 -43.44 -12.59
CA GLY A 228 -18.51 -43.15 -13.87
C GLY A 228 -18.02 -44.08 -14.95
N LYS A 229 -18.92 -44.43 -15.86
CA LYS A 229 -18.58 -45.27 -16.99
C LYS A 229 -17.76 -44.49 -18.00
N ASP A 230 -17.25 -45.22 -19.01
CA ASP A 230 -16.32 -44.61 -19.97
C ASP A 230 -16.93 -43.38 -20.65
N SER A 231 -18.24 -43.38 -20.89
CA SER A 231 -18.86 -42.27 -21.58
C SER A 231 -19.01 -41.05 -20.69
N THR A 232 -19.18 -41.27 -19.38
CA THR A 232 -19.28 -40.19 -18.40
C THR A 232 -18.37 -40.51 -17.21
N PRO A 233 -17.06 -40.49 -17.44
CA PRO A 233 -16.14 -40.97 -16.39
C PRO A 233 -15.97 -39.97 -15.26
N THR A 234 -15.51 -40.49 -14.13
CA THR A 234 -15.11 -39.67 -13.00
C THR A 234 -13.70 -39.15 -13.24
N ALA A 235 -13.52 -37.83 -13.15
CA ALA A 235 -12.22 -37.24 -13.38
C ALA A 235 -11.26 -37.59 -12.25
N ASN A 236 -9.99 -37.77 -12.60
CA ASN A 236 -8.95 -37.91 -11.59
C ASN A 236 -8.70 -36.57 -10.89
N GLY A 237 -8.04 -36.63 -9.75
CA GLY A 237 -7.60 -35.45 -9.04
C GLY A 237 -7.95 -35.48 -7.58
N ILE A 238 -7.72 -34.33 -6.93
CA ILE A 238 -8.00 -34.16 -5.51
C ILE A 238 -9.33 -33.46 -5.35
N TYR A 239 -10.24 -34.07 -4.60
CA TYR A 239 -11.56 -33.50 -4.33
C TYR A 239 -11.64 -33.04 -2.88
N ILE A 240 -12.30 -31.92 -2.64
CA ILE A 240 -12.53 -31.43 -1.28
C ILE A 240 -13.97 -31.77 -0.89
N VAL A 241 -14.13 -32.42 0.27
CA VAL A 241 -15.47 -32.74 0.73
C VAL A 241 -16.23 -31.46 1.07
N GLY A 242 -17.50 -31.41 0.67
CA GLY A 242 -18.36 -30.30 1.00
C GLY A 242 -19.55 -30.68 1.85
N SER A 243 -20.73 -30.22 1.48
CA SER A 243 -21.92 -30.48 2.28
C SER A 243 -22.25 -31.97 2.31
N ARG A 244 -23.08 -32.35 3.28
CA ARG A 244 -23.49 -33.73 3.49
C ARG A 244 -25.00 -33.78 3.62
N TYR A 245 -25.62 -34.79 3.02
CA TYR A 245 -27.08 -34.89 2.97
C TYR A 245 -27.53 -36.28 3.38
N LYS A 246 -28.47 -36.34 4.33
CA LYS A 246 -29.15 -37.59 4.64
C LYS A 246 -29.78 -38.17 3.39
N HIS A 247 -30.26 -37.31 2.49
CA HIS A 247 -30.83 -37.70 1.20
C HIS A 247 -30.94 -36.45 0.36
N ILE A 248 -30.91 -36.61 -0.96
CA ILE A 248 -30.96 -35.47 -1.86
C ILE A 248 -31.47 -35.95 -3.21
N ILE A 249 -32.20 -35.08 -3.90
CA ILE A 249 -32.65 -35.34 -5.26
C ILE A 249 -31.54 -34.90 -6.20
N MET A 250 -30.89 -35.87 -6.83
CA MET A 250 -29.81 -35.61 -7.79
C MET A 250 -30.45 -35.22 -9.11
N ASP A 251 -30.48 -33.93 -9.39
CA ASP A 251 -31.08 -33.39 -10.60
C ASP A 251 -29.97 -32.89 -11.51
N SER A 252 -29.82 -33.52 -12.68
CA SER A 252 -28.79 -33.12 -13.62
C SER A 252 -29.05 -31.73 -14.19
N SER A 253 -30.30 -31.25 -14.13
CA SER A 253 -30.61 -29.94 -14.70
C SER A 253 -29.91 -28.83 -13.95
N THR A 254 -29.62 -29.02 -12.66
CA THR A 254 -28.91 -27.99 -11.91
C THR A 254 -27.48 -27.81 -12.42
N TYR A 255 -26.96 -28.77 -13.18
CA TYR A 255 -25.61 -28.72 -13.72
C TYR A 255 -25.60 -28.46 -15.22
N GLY A 256 -26.74 -28.04 -15.78
CA GLY A 256 -26.82 -27.68 -17.17
C GLY A 256 -27.18 -28.79 -18.14
N VAL A 257 -27.45 -29.99 -17.64
CA VAL A 257 -27.75 -31.16 -18.47
C VAL A 257 -29.22 -31.51 -18.26
N PRO A 258 -30.07 -31.45 -19.29
CA PRO A 258 -31.49 -31.75 -19.09
C PRO A 258 -31.70 -33.19 -18.66
N VAL A 259 -32.81 -33.42 -17.95
CA VAL A 259 -33.11 -34.76 -17.45
C VAL A 259 -33.39 -35.71 -18.60
N ASN A 260 -34.04 -35.22 -19.67
CA ASN A 260 -34.44 -36.08 -20.77
C ASN A 260 -33.29 -36.40 -21.71
N SER A 261 -32.19 -35.65 -21.66
CA SER A 261 -31.06 -35.89 -22.54
C SER A 261 -30.42 -37.23 -22.20
N PRO A 262 -29.52 -37.72 -23.06
CA PRO A 262 -28.93 -39.05 -22.79
C PRO A 262 -28.18 -39.14 -21.48
N ASN A 263 -27.45 -38.10 -21.11
CA ASN A 263 -26.65 -38.10 -19.89
C ASN A 263 -27.36 -37.46 -18.70
N GLY A 264 -28.65 -37.17 -18.83
CA GLY A 264 -29.40 -36.55 -17.76
C GLY A 264 -30.03 -37.55 -16.82
N TYR A 265 -30.56 -37.04 -15.71
CA TYR A 265 -31.12 -37.89 -14.68
C TYR A 265 -31.82 -37.04 -13.63
N ARG A 266 -32.68 -37.69 -12.86
CA ARG A 266 -33.33 -37.06 -11.71
C ARG A 266 -33.74 -38.19 -10.78
N THR A 267 -32.90 -38.47 -9.78
CA THR A 267 -33.12 -39.59 -8.88
C THR A 267 -32.79 -39.18 -7.45
N ASP A 268 -33.60 -39.68 -6.52
CA ASP A 268 -33.44 -39.40 -5.10
C ASP A 268 -32.53 -40.47 -4.49
N VAL A 269 -31.41 -40.04 -3.92
CA VAL A 269 -30.42 -40.94 -3.33
C VAL A 269 -30.26 -40.62 -1.86
N ASP A 270 -29.69 -41.57 -1.14
CA ASP A 270 -29.47 -41.46 0.30
C ASP A 270 -28.00 -41.24 0.62
N TRP A 271 -27.76 -40.71 1.83
CA TRP A 271 -26.43 -40.50 2.36
C TRP A 271 -25.45 -40.01 1.30
N ALA A 272 -25.66 -38.79 0.83
CA ALA A 272 -24.85 -38.23 -0.25
C ALA A 272 -23.88 -37.20 0.31
N THR A 273 -22.60 -37.39 0.02
CA THR A 273 -21.54 -36.47 0.40
C THR A 273 -20.99 -35.81 -0.85
N GLN A 274 -21.07 -34.49 -0.91
CA GLN A 274 -20.61 -33.74 -2.07
C GLN A 274 -19.09 -33.59 -2.05
N ILE A 275 -18.47 -33.76 -3.23
CA ILE A 275 -17.04 -33.58 -3.37
C ILE A 275 -16.66 -32.75 -4.58
N SER A 276 -17.62 -32.34 -5.39
CA SER A 276 -17.33 -31.39 -6.46
C SER A 276 -18.57 -30.57 -6.78
N TYR A 277 -18.35 -29.31 -7.17
CA TYR A 277 -19.46 -28.47 -7.61
C TYR A 277 -20.08 -29.02 -8.88
N SER A 278 -19.31 -29.74 -9.69
CA SER A 278 -19.82 -30.27 -10.94
C SER A 278 -20.80 -31.44 -10.76
N GLY A 279 -21.04 -31.88 -9.52
CA GLY A 279 -22.04 -32.89 -9.24
C GLY A 279 -21.54 -34.27 -8.84
N VAL A 280 -20.28 -34.41 -8.47
CA VAL A 280 -19.77 -35.70 -8.03
C VAL A 280 -20.07 -35.85 -6.54
N PHE A 281 -20.71 -36.96 -6.19
CA PHE A 281 -21.06 -37.28 -4.82
C PHE A 281 -20.55 -38.67 -4.46
N VAL A 282 -20.39 -38.91 -3.16
CA VAL A 282 -20.32 -40.25 -2.60
C VAL A 282 -21.67 -40.53 -1.97
N HIS A 283 -22.40 -41.51 -2.50
CA HIS A 283 -23.78 -41.71 -2.10
C HIS A 283 -24.14 -43.19 -2.12
N SER A 284 -25.30 -43.49 -1.53
CA SER A 284 -25.81 -44.85 -1.52
C SER A 284 -26.31 -45.24 -2.91
N ALA A 285 -25.95 -46.43 -3.37
CA ALA A 285 -26.33 -46.92 -4.69
C ALA A 285 -26.67 -48.40 -4.60
N PRO A 286 -27.87 -48.73 -4.12
CA PRO A 286 -28.26 -50.15 -4.06
C PRO A 286 -28.30 -50.82 -5.42
N TRP A 287 -28.66 -50.09 -6.47
CA TRP A 287 -28.86 -50.69 -7.78
C TRP A 287 -27.56 -51.17 -8.41
N SER A 288 -26.42 -50.69 -7.96
CA SER A 288 -25.14 -51.09 -8.53
C SER A 288 -24.25 -51.82 -7.52
N VAL A 289 -24.85 -52.36 -6.45
CA VAL A 289 -24.07 -53.08 -5.45
C VAL A 289 -23.26 -54.20 -6.10
N GLY A 290 -23.87 -54.89 -7.06
CA GLY A 290 -23.14 -55.95 -7.75
C GLY A 290 -22.00 -55.42 -8.60
N ALA A 291 -22.20 -54.25 -9.21
CA ALA A 291 -21.14 -53.65 -10.01
C ALA A 291 -20.02 -53.06 -9.15
N GLN A 292 -20.33 -52.63 -7.92
CA GLN A 292 -19.33 -52.02 -7.06
C GLN A 292 -18.16 -52.97 -6.85
N GLY A 293 -16.95 -52.46 -7.08
CA GLY A 293 -15.76 -53.27 -7.00
C GLY A 293 -15.38 -54.00 -8.26
N HIS A 294 -16.11 -53.79 -9.36
CA HIS A 294 -15.86 -54.54 -10.58
C HIS A 294 -15.92 -53.66 -11.83
N THR A 295 -17.05 -52.99 -12.06
CA THR A 295 -17.22 -52.19 -13.25
C THR A 295 -17.81 -50.83 -12.89
N ASN A 296 -17.71 -49.89 -13.85
CA ASN A 296 -18.18 -48.52 -13.68
C ASN A 296 -19.49 -48.33 -14.43
N THR A 297 -20.49 -47.75 -13.76
CA THR A 297 -21.81 -47.62 -14.33
C THR A 297 -22.49 -46.27 -14.08
N SER A 298 -21.89 -45.38 -13.30
CA SER A 298 -22.58 -44.16 -12.91
C SER A 298 -22.26 -43.04 -13.90
N HIS A 299 -22.69 -41.82 -13.57
CA HIS A 299 -22.44 -40.64 -14.39
C HIS A 299 -21.22 -39.85 -13.94
N GLY A 300 -20.54 -40.30 -12.88
CA GLY A 300 -19.42 -39.58 -12.32
C GLY A 300 -19.31 -39.75 -10.84
N CYS A 301 -20.45 -39.98 -10.20
CA CYS A 301 -20.48 -40.11 -8.76
C CYS A 301 -19.82 -41.42 -8.32
N LEU A 302 -19.35 -41.46 -7.07
CA LEU A 302 -18.77 -42.65 -6.49
C LEU A 302 -19.88 -43.44 -5.79
N ASN A 303 -20.38 -44.46 -6.48
CA ASN A 303 -21.43 -45.31 -5.91
C ASN A 303 -20.83 -46.25 -4.88
N VAL A 304 -21.44 -46.31 -3.71
CA VAL A 304 -21.07 -47.26 -2.66
C VAL A 304 -22.35 -47.86 -2.11
N SER A 305 -22.19 -48.89 -1.29
CA SER A 305 -23.33 -49.53 -0.66
C SER A 305 -24.04 -48.54 0.27
N PRO A 306 -25.33 -48.74 0.51
CA PRO A 306 -26.01 -47.92 1.53
C PRO A 306 -25.23 -47.88 2.83
N SER A 307 -24.68 -49.02 3.24
CA SER A 307 -23.91 -49.10 4.48
C SER A 307 -22.68 -48.19 4.43
N ASN A 308 -21.86 -48.35 3.40
CA ASN A 308 -20.67 -47.54 3.29
C ASN A 308 -20.99 -46.06 3.06
N ALA A 309 -22.13 -45.77 2.44
CA ALA A 309 -22.52 -44.37 2.25
C ALA A 309 -22.85 -43.70 3.58
N GLN A 310 -23.59 -44.40 4.44
CA GLN A 310 -23.91 -43.83 5.75
C GLN A 310 -22.65 -43.71 6.60
N TRP A 311 -21.74 -44.68 6.51
CA TRP A 311 -20.49 -44.59 7.25
C TRP A 311 -19.68 -43.38 6.78
N PHE A 312 -19.56 -43.19 5.46
CA PHE A 312 -18.86 -42.02 4.93
C PHE A 312 -19.51 -40.74 5.42
N TYR A 313 -20.84 -40.69 5.42
CA TYR A 313 -21.57 -39.52 5.90
C TYR A 313 -21.25 -39.25 7.36
N ASP A 314 -21.11 -40.31 8.16
CA ASP A 314 -20.94 -40.14 9.60
C ASP A 314 -19.50 -39.85 9.99
N HIS A 315 -18.52 -40.28 9.19
CA HIS A 315 -17.13 -40.19 9.58
C HIS A 315 -16.30 -39.21 8.75
N VAL A 316 -16.90 -38.55 7.77
CA VAL A 316 -16.21 -37.58 6.94
C VAL A 316 -16.84 -36.21 7.16
N LYS A 317 -16.00 -35.18 7.23
CA LYS A 317 -16.41 -33.82 7.52
C LYS A 317 -15.94 -32.88 6.42
N ARG A 318 -16.61 -31.73 6.33
N ARG A 318 -16.61 -31.73 6.32
CA ARG A 318 -16.23 -30.70 5.36
CA ARG A 318 -16.23 -30.71 5.35
C ARG A 318 -14.74 -30.42 5.48
C ARG A 318 -14.74 -30.40 5.47
N GLY A 319 -14.05 -30.43 4.33
CA GLY A 319 -12.63 -30.21 4.27
C GLY A 319 -11.79 -31.46 4.11
N ASP A 320 -12.36 -32.64 4.38
CA ASP A 320 -11.62 -33.87 4.15
C ASP A 320 -11.40 -34.05 2.65
N ILE A 321 -10.53 -35.01 2.32
CA ILE A 321 -10.01 -35.15 0.97
C ILE A 321 -10.46 -36.47 0.37
N VAL A 322 -10.93 -36.43 -0.87
CA VAL A 322 -11.16 -37.60 -1.69
C VAL A 322 -10.30 -37.46 -2.93
N GLU A 323 -9.39 -38.41 -3.14
CA GLU A 323 -8.51 -38.43 -4.30
C GLU A 323 -8.89 -39.60 -5.20
N VAL A 324 -9.02 -39.32 -6.49
CA VAL A 324 -9.33 -40.33 -7.50
C VAL A 324 -8.12 -40.48 -8.42
N VAL A 325 -7.74 -41.73 -8.70
CA VAL A 325 -6.59 -42.02 -9.53
C VAL A 325 -6.91 -43.14 -10.49
N ASN A 326 -6.29 -43.09 -11.68
CA ASN A 326 -6.29 -44.17 -12.66
C ASN A 326 -7.61 -44.33 -13.41
N THR A 327 -8.46 -43.30 -13.41
CA THR A 327 -9.67 -43.36 -14.21
C THR A 327 -9.38 -42.98 -15.66
N VAL A 328 -10.36 -43.25 -16.53
CA VAL A 328 -10.23 -42.90 -17.94
C VAL A 328 -10.59 -41.44 -18.22
N GLY A 329 -10.95 -40.68 -17.18
CA GLY A 329 -11.26 -39.27 -17.35
C GLY A 329 -10.01 -38.40 -17.24
N GLY A 330 -10.22 -37.11 -17.38
CA GLY A 330 -9.14 -36.15 -17.21
C GLY A 330 -8.89 -35.81 -15.76
N THR A 331 -8.55 -34.56 -15.49
CA THR A 331 -8.33 -34.06 -14.14
C THR A 331 -9.44 -33.07 -13.78
N LEU A 332 -9.88 -33.12 -12.53
CA LEU A 332 -10.92 -32.22 -12.08
C LEU A 332 -10.45 -30.77 -12.24
N PRO A 333 -11.27 -29.90 -12.84
CA PRO A 333 -10.84 -28.50 -13.00
C PRO A 333 -10.46 -27.88 -11.66
N GLY A 334 -9.32 -27.18 -11.66
CA GLY A 334 -8.87 -26.50 -10.47
C GLY A 334 -9.83 -25.45 -9.96
N ILE A 335 -10.67 -24.91 -10.82
CA ILE A 335 -11.61 -23.86 -10.44
C ILE A 335 -13.02 -24.41 -10.26
N ASP A 336 -13.16 -25.74 -10.14
CA ASP A 336 -14.47 -26.34 -9.96
C ASP A 336 -15.19 -25.75 -8.76
N GLY A 337 -14.45 -25.39 -7.72
CA GLY A 337 -15.01 -24.95 -6.45
C GLY A 337 -14.62 -25.85 -5.30
N LEU A 338 -14.34 -27.13 -5.61
CA LEU A 338 -13.80 -28.08 -4.66
C LEU A 338 -12.53 -28.73 -5.22
N GLY A 339 -11.97 -28.14 -6.29
CA GLY A 339 -10.77 -28.71 -6.89
C GLY A 339 -9.53 -27.85 -6.72
N ASP A 340 -9.52 -27.05 -5.66
CA ASP A 340 -8.45 -26.06 -5.48
C ASP A 340 -7.07 -26.71 -5.56
N TRP A 341 -6.93 -27.93 -4.99
CA TRP A 341 -5.62 -28.56 -4.87
C TRP A 341 -5.12 -29.15 -6.16
N ASN A 342 -5.87 -29.06 -7.26
CA ASN A 342 -5.39 -29.53 -8.54
C ASN A 342 -4.59 -28.46 -9.28
N ILE A 343 -4.68 -27.22 -8.85
CA ILE A 343 -3.83 -26.16 -9.41
C ILE A 343 -2.43 -26.31 -8.86
N PRO A 344 -1.39 -26.40 -9.71
CA PRO A 344 -0.03 -26.52 -9.19
C PRO A 344 0.33 -25.32 -8.30
N TRP A 345 1.17 -25.58 -7.32
CA TRP A 345 1.40 -24.58 -6.28
C TRP A 345 2.02 -23.31 -6.84
N ASP A 346 2.98 -23.46 -7.76
CA ASP A 346 3.60 -22.28 -8.35
C ASP A 346 2.55 -21.38 -8.99
N GLN A 347 1.60 -21.97 -9.71
CA GLN A 347 0.53 -21.19 -10.31
C GLN A 347 -0.36 -20.57 -9.25
N TRP A 348 -0.72 -21.33 -8.21
CA TRP A 348 -1.55 -20.80 -7.14
C TRP A 348 -0.82 -19.70 -6.39
N ARG A 349 0.45 -19.96 -6.01
CA ARG A 349 1.24 -18.97 -5.31
C ARG A 349 1.31 -17.66 -6.10
N ALA A 350 1.62 -17.75 -7.39
CA ALA A 350 1.69 -16.53 -8.20
C ALA A 350 0.34 -15.84 -8.27
N GLY A 351 -0.75 -16.57 -8.11
CA GLY A 351 -2.07 -15.98 -8.08
C GLY A 351 -2.48 -15.39 -9.41
N ASN A 352 -3.65 -14.75 -9.40
CA ASN A 352 -4.23 -14.16 -10.60
C ASN A 352 -4.97 -12.87 -10.24
N ALA A 353 -4.34 -12.03 -9.42
CA ALA A 353 -4.88 -10.72 -9.14
C ALA A 353 -4.86 -9.80 -10.36
N LYS A 354 -3.98 -10.07 -11.31
CA LYS A 354 -3.90 -9.30 -12.56
C LYS A 354 -3.43 -7.88 -12.27
N LEU B 4 -1.01 68.18 -24.63
CA LEU B 4 -0.89 66.74 -24.42
C LEU B 4 -0.29 66.42 -23.06
N LEU B 5 0.10 65.16 -22.87
CA LEU B 5 0.35 64.61 -21.54
C LEU B 5 1.83 64.30 -21.33
N VAL B 6 2.35 64.76 -20.20
CA VAL B 6 3.69 64.29 -19.78
C VAL B 6 3.65 62.81 -19.37
N PRO B 7 4.47 61.95 -19.96
CA PRO B 7 4.41 60.53 -19.59
C PRO B 7 4.73 60.35 -18.11
N LYS B 8 4.14 59.30 -17.53
CA LYS B 8 4.35 58.95 -16.13
C LYS B 8 5.15 57.66 -16.07
N LEU B 9 6.18 57.63 -15.23
CA LEU B 9 7.07 56.49 -15.09
C LEU B 9 6.87 55.85 -13.71
N THR B 10 6.52 54.57 -13.71
CA THR B 10 6.39 53.80 -12.48
C THR B 10 7.30 52.58 -12.57
N ALA B 11 7.69 52.05 -11.41
CA ALA B 11 8.59 50.90 -11.36
C ALA B 11 8.11 49.92 -10.30
N SER B 12 8.56 48.67 -10.44
CA SER B 12 8.25 47.65 -9.44
C SER B 12 9.02 47.88 -8.16
N VAL B 13 9.96 48.81 -8.15
CA VAL B 13 10.64 49.27 -6.93
C VAL B 13 10.41 50.77 -6.83
N THR B 14 10.61 51.30 -5.61
CA THR B 14 10.41 52.71 -5.34
C THR B 14 11.70 53.34 -4.84
N ASP B 15 11.90 54.60 -5.21
CA ASP B 15 13.11 55.32 -4.83
C ASP B 15 13.32 55.31 -3.34
N GLY B 16 14.54 54.96 -2.92
CA GLY B 16 14.89 54.87 -1.52
C GLY B 16 14.58 53.54 -0.87
N ALA B 17 14.13 52.56 -1.64
CA ALA B 17 13.76 51.26 -1.07
C ALA B 17 14.99 50.51 -0.57
N VAL B 18 14.85 49.86 0.58
CA VAL B 18 15.87 48.96 1.11
C VAL B 18 15.23 47.60 1.32
N GLY B 19 16.08 46.56 1.35
CA GLY B 19 15.58 45.21 1.49
C GLY B 19 14.85 44.68 0.27
N VAL B 20 15.09 45.26 -0.90
CA VAL B 20 14.46 44.76 -2.11
C VAL B 20 14.94 43.34 -2.35
N THR B 21 13.98 42.40 -2.47
CA THR B 21 14.33 41.01 -2.69
C THR B 21 14.65 40.78 -4.16
N VAL B 22 15.63 39.92 -4.43
CA VAL B 22 16.09 39.67 -5.78
C VAL B 22 15.48 38.39 -6.36
N ASP B 23 14.38 37.92 -5.75
CA ASP B 23 13.68 36.74 -6.26
C ASP B 23 12.91 37.04 -7.54
N ALA B 24 12.69 38.31 -7.87
CA ALA B 24 11.97 38.71 -9.06
C ALA B 24 12.73 39.81 -9.78
N PRO B 25 12.41 40.07 -11.04
CA PRO B 25 13.09 41.14 -11.76
C PRO B 25 12.51 42.51 -11.42
N VAL B 26 13.29 43.52 -11.71
CA VAL B 26 12.87 44.91 -11.58
C VAL B 26 12.38 45.40 -12.94
N SER B 27 11.27 46.14 -12.95
CA SER B 27 10.64 46.57 -14.18
C SER B 27 10.30 48.05 -14.12
N VAL B 28 10.14 48.65 -15.31
CA VAL B 28 9.77 50.06 -15.43
C VAL B 28 8.69 50.14 -16.49
N THR B 29 7.61 50.85 -16.19
CA THR B 29 6.47 50.96 -17.09
C THR B 29 6.19 52.43 -17.39
N ALA B 30 5.80 52.70 -18.63
CA ALA B 30 5.43 54.03 -19.08
C ALA B 30 3.92 54.15 -19.25
N ALA B 31 3.39 55.31 -18.92
CA ALA B 31 1.98 55.63 -19.12
C ALA B 31 1.87 56.96 -19.86
N ASP B 32 0.93 57.04 -20.79
CA ASP B 32 0.74 58.24 -21.61
C ASP B 32 2.03 58.60 -22.35
N GLY B 33 2.68 57.58 -22.90
CA GLY B 33 3.94 57.77 -23.59
C GLY B 33 4.66 56.43 -23.71
N VAL B 34 5.91 56.52 -24.16
CA VAL B 34 6.75 55.34 -24.34
C VAL B 34 8.12 55.61 -23.73
N LEU B 35 8.82 54.52 -23.43
CA LEU B 35 10.15 54.61 -22.85
C LEU B 35 11.18 54.77 -23.95
N ALA B 36 12.00 55.80 -23.85
CA ALA B 36 13.09 56.00 -24.81
C ALA B 36 14.34 55.24 -24.40
N ALA B 37 14.64 55.20 -23.10
CA ALA B 37 15.81 54.49 -22.62
C ALA B 37 15.65 54.23 -21.14
N VAL B 38 16.16 53.09 -20.69
CA VAL B 38 16.19 52.73 -19.29
C VAL B 38 17.55 52.11 -19.00
N THR B 39 18.24 52.65 -18.00
CA THR B 39 19.55 52.17 -17.59
C THR B 39 19.53 51.83 -16.11
N MET B 40 20.14 50.70 -15.75
CA MET B 40 20.31 50.32 -14.36
C MET B 40 21.76 49.94 -14.14
N VAL B 41 22.35 50.49 -13.08
CA VAL B 41 23.74 50.24 -12.73
C VAL B 41 23.82 49.91 -11.25
N ASN B 42 24.76 49.05 -10.88
CA ASN B 42 24.99 48.72 -9.49
C ASN B 42 25.98 49.72 -8.87
N ASP B 43 26.35 49.48 -7.61
CA ASP B 43 27.20 50.43 -6.90
C ASP B 43 28.60 50.54 -7.50
N ASN B 44 29.03 49.56 -8.28
CA ASN B 44 30.33 49.62 -8.94
C ASN B 44 30.26 50.22 -10.34
N GLY B 45 29.08 50.71 -10.75
CA GLY B 45 28.94 51.28 -12.06
C GLY B 45 28.77 50.30 -13.20
N ARG B 46 28.56 49.03 -12.91
CA ARG B 46 28.35 48.03 -13.96
C ARG B 46 26.88 48.00 -14.37
N PRO B 47 26.58 48.07 -15.66
CA PRO B 47 25.17 48.06 -16.07
C PRO B 47 24.55 46.68 -15.90
N VAL B 48 23.23 46.68 -15.67
CA VAL B 48 22.44 45.47 -15.55
C VAL B 48 21.75 45.23 -16.90
N ALA B 49 21.81 43.99 -17.38
CA ALA B 49 21.20 43.65 -18.66
C ALA B 49 19.68 43.80 -18.56
N GLY B 50 19.09 44.43 -19.56
CA GLY B 50 17.65 44.68 -19.56
C GLY B 50 17.10 44.67 -20.96
N ARG B 51 15.78 44.59 -21.05
CA ARG B 51 15.08 44.45 -22.33
C ARG B 51 13.84 45.35 -22.32
N LEU B 52 13.74 46.18 -23.35
CA LEU B 52 12.56 47.01 -23.57
C LEU B 52 11.59 46.28 -24.49
N SER B 53 10.30 46.30 -24.14
CA SER B 53 9.29 45.61 -24.92
C SER B 53 9.13 46.25 -26.29
N PRO B 54 8.65 45.49 -27.27
CA PRO B 54 8.48 46.07 -28.62
C PRO B 54 7.61 47.31 -28.62
N ASP B 55 6.52 47.32 -27.85
CA ASP B 55 5.65 48.50 -27.83
C ASP B 55 6.24 49.66 -27.06
N GLY B 56 7.41 49.49 -26.46
CA GLY B 56 8.08 50.58 -25.76
C GLY B 56 7.48 50.97 -24.44
N LEU B 57 6.55 50.19 -23.92
CA LEU B 57 5.87 50.55 -22.67
C LEU B 57 6.48 49.93 -21.42
N ARG B 58 7.13 48.76 -21.54
CA ARG B 58 7.60 48.02 -20.39
C ARG B 58 9.07 47.66 -20.58
N TRP B 59 9.85 47.87 -19.52
CA TRP B 59 11.26 47.49 -19.48
C TRP B 59 11.48 46.60 -18.25
N SER B 60 12.36 45.62 -18.40
CA SER B 60 12.63 44.70 -17.31
C SER B 60 14.07 44.26 -17.35
N THR B 61 14.62 43.99 -16.16
CA THR B 61 15.93 43.34 -16.07
C THR B 61 15.85 41.93 -16.60
N THR B 62 16.89 41.50 -17.32
CA THR B 62 16.96 40.18 -17.92
C THR B 62 18.03 39.29 -17.29
N GLU B 63 18.74 39.78 -16.27
CA GLU B 63 19.65 38.98 -15.48
C GLU B 63 19.29 39.15 -14.02
N GLN B 64 19.73 38.22 -13.20
CA GLN B 64 19.35 38.26 -11.79
C GLN B 64 20.18 39.33 -11.05
N LEU B 65 19.60 39.89 -10.01
CA LEU B 65 20.22 40.94 -9.22
C LEU B 65 20.84 40.33 -7.96
N GLY B 66 21.97 40.91 -7.55
CA GLY B 66 22.73 40.34 -6.46
C GLY B 66 22.35 40.85 -5.09
N TYR B 67 22.72 40.08 -4.07
CA TYR B 67 22.54 40.51 -2.69
C TYR B 67 23.49 41.68 -2.36
N ASN B 68 23.12 42.43 -1.33
CA ASN B 68 23.99 43.47 -0.77
C ASN B 68 24.44 44.44 -1.86
N ARG B 69 23.46 44.93 -2.61
CA ARG B 69 23.72 45.79 -3.75
C ARG B 69 22.85 47.03 -3.68
N ARG B 70 23.40 48.13 -4.21
CA ARG B 70 22.65 49.37 -4.43
C ARG B 70 22.59 49.60 -5.93
N TYR B 71 21.37 49.71 -6.46
CA TYR B 71 21.14 49.90 -7.89
C TYR B 71 20.59 51.28 -8.16
N THR B 72 21.01 51.87 -9.27
CA THR B 72 20.55 53.19 -9.70
C THR B 72 19.88 53.05 -11.07
N LEU B 73 18.64 53.50 -11.16
CA LEU B 73 17.82 53.34 -12.36
C LEU B 73 17.49 54.71 -12.93
N ASN B 74 17.74 54.89 -14.23
CA ASN B 74 17.43 56.12 -14.93
C ASN B 74 16.58 55.79 -16.14
N ALA B 75 15.42 56.43 -16.25
CA ALA B 75 14.47 56.15 -17.33
C ALA B 75 14.03 57.45 -17.96
N THR B 76 14.02 57.49 -19.29
CA THR B 76 13.50 58.62 -20.05
C THR B 76 12.28 58.17 -20.84
N ALA B 77 11.24 59.02 -20.87
CA ALA B 77 10.01 58.73 -21.56
C ALA B 77 9.61 59.92 -22.43
N LEU B 78 8.97 59.62 -23.55
CA LEU B 78 8.50 60.64 -24.48
C LEU B 78 7.02 60.44 -24.74
N GLY B 79 6.26 61.52 -24.69
CA GLY B 79 4.83 61.48 -24.97
C GLY B 79 4.42 62.66 -25.85
N LEU B 80 3.13 62.70 -26.16
CA LEU B 80 2.61 63.79 -26.99
C LEU B 80 2.80 65.15 -26.32
N GLY B 81 2.73 65.19 -24.99
CA GLY B 81 2.86 66.43 -24.27
C GLY B 81 4.26 66.85 -23.90
N GLY B 82 5.22 65.95 -24.08
CA GLY B 82 6.60 66.26 -23.74
C GLY B 82 7.31 65.08 -23.12
N ALA B 83 8.55 65.28 -22.70
CA ALA B 83 9.36 64.21 -22.14
C ALA B 83 9.17 64.10 -20.64
N ALA B 84 9.59 62.96 -20.09
CA ALA B 84 9.63 62.74 -18.66
C ALA B 84 10.90 61.96 -18.34
N THR B 85 11.51 62.26 -17.20
CA THR B 85 12.74 61.63 -16.77
C THR B 85 12.63 61.29 -15.29
N ARG B 86 13.25 60.18 -14.91
CA ARG B 86 13.22 59.77 -13.52
C ARG B 86 14.51 59.06 -13.15
N GLN B 87 14.86 59.13 -11.87
CA GLN B 87 16.02 58.46 -11.32
C GLN B 87 15.64 57.83 -9.99
N LEU B 88 15.79 56.51 -9.91
CA LEU B 88 15.52 55.76 -8.69
C LEU B 88 16.80 55.13 -8.17
N THR B 89 16.86 54.90 -6.88
CA THR B 89 17.95 54.17 -6.24
C THR B 89 17.36 53.29 -5.17
N PHE B 90 17.73 52.01 -5.16
CA PHE B 90 17.24 51.08 -4.16
C PHE B 90 18.37 50.14 -3.76
N GLN B 91 18.19 49.47 -2.61
CA GLN B 91 19.18 48.58 -2.03
C GLN B 91 18.55 47.20 -1.81
N THR B 92 19.26 46.16 -2.22
CA THR B 92 18.70 44.82 -2.20
C THR B 92 18.99 44.17 -0.85
N SER B 93 18.40 42.98 -0.66
CA SER B 93 18.58 42.24 0.58
C SER B 93 20.05 42.05 0.90
N SER B 94 20.38 42.19 2.18
CA SER B 94 21.74 41.96 2.69
C SER B 94 21.67 40.77 3.63
N PRO B 95 21.82 39.55 3.13
CA PRO B 95 21.65 38.37 3.99
C PRO B 95 22.67 38.35 5.13
N ALA B 96 22.22 37.90 6.30
CA ALA B 96 23.16 37.55 7.34
C ALA B 96 23.83 36.21 7.06
N HIS B 97 23.13 35.28 6.43
N HIS B 97 23.10 35.27 6.48
CA HIS B 97 23.66 33.95 6.14
CA HIS B 97 23.61 33.94 6.15
C HIS B 97 23.05 33.48 4.83
C HIS B 97 23.08 33.52 4.79
N LEU B 98 23.76 32.57 4.17
CA LEU B 98 23.27 31.91 2.96
C LEU B 98 23.18 30.41 3.18
N THR B 99 22.21 29.78 2.50
CA THR B 99 22.03 28.33 2.58
C THR B 99 21.76 27.77 1.18
N MET B 100 22.43 26.69 0.84
CA MET B 100 22.30 26.07 -0.47
C MET B 100 21.38 24.86 -0.39
N PRO B 101 20.37 24.75 -1.23
CA PRO B 101 19.53 23.54 -1.23
C PRO B 101 20.13 22.43 -2.08
N TYR B 102 19.75 21.21 -1.74
CA TYR B 102 20.13 20.02 -2.48
C TYR B 102 18.89 19.16 -2.68
N VAL B 103 18.65 18.76 -3.92
CA VAL B 103 17.39 18.15 -4.33
C VAL B 103 17.64 16.72 -4.83
N MET B 104 16.79 15.80 -4.36
N MET B 104 16.80 15.79 -4.36
CA MET B 104 16.79 14.41 -4.80
CA MET B 104 16.80 14.41 -4.81
C MET B 104 15.36 14.01 -5.12
C MET B 104 15.36 14.01 -5.13
N PRO B 105 15.17 13.05 -6.04
CA PRO B 105 16.21 12.32 -6.79
C PRO B 105 16.85 13.14 -7.91
N GLY B 106 17.83 12.55 -8.58
CA GLY B 106 18.55 13.26 -9.61
C GLY B 106 17.68 13.63 -10.79
N ASP B 107 18.13 14.67 -11.51
CA ASP B 107 17.38 15.15 -12.66
C ASP B 107 17.44 14.12 -13.79
N GLY B 108 16.29 13.84 -14.39
CA GLY B 108 16.20 12.89 -15.47
C GLY B 108 16.09 11.44 -15.06
N GLU B 109 16.11 11.15 -13.77
CA GLU B 109 16.11 9.76 -13.32
C GLU B 109 14.72 9.15 -13.42
N VAL B 110 14.69 7.82 -13.34
CA VAL B 110 13.44 7.05 -13.27
C VAL B 110 13.46 6.31 -11.95
N VAL B 111 12.47 6.60 -11.10
CA VAL B 111 12.45 6.15 -9.72
C VAL B 111 11.17 5.35 -9.45
N GLY B 112 11.18 4.63 -8.33
CA GLY B 112 10.06 3.81 -7.94
C GLY B 112 8.90 4.60 -7.38
N VAL B 113 7.84 3.87 -7.01
CA VAL B 113 6.58 4.50 -6.64
C VAL B 113 6.59 5.02 -5.22
N GLY B 114 7.63 4.74 -4.44
CA GLY B 114 7.76 5.28 -3.11
C GLY B 114 8.74 6.43 -2.98
N GLU B 115 9.25 6.97 -4.08
CA GLU B 115 10.33 7.96 -4.01
C GLU B 115 9.77 9.31 -3.59
N PRO B 116 10.16 9.86 -2.45
CA PRO B 116 9.74 11.21 -2.08
C PRO B 116 10.64 12.27 -2.70
N VAL B 117 10.06 13.44 -2.91
CA VAL B 117 10.85 14.61 -3.28
C VAL B 117 11.56 15.13 -2.03
N ALA B 118 12.86 15.41 -2.14
CA ALA B 118 13.67 15.82 -1.01
C ALA B 118 14.39 17.12 -1.32
N ILE B 119 14.39 18.04 -0.35
CA ILE B 119 15.14 19.28 -0.42
C ILE B 119 15.92 19.38 0.88
N ARG B 120 17.24 19.21 0.79
CA ARG B 120 18.11 19.29 1.96
C ARG B 120 18.94 20.58 1.88
N PHE B 121 18.69 21.48 2.81
CA PHE B 121 19.54 22.67 2.96
C PHE B 121 20.76 22.34 3.82
N ASP B 122 21.82 23.12 3.65
CA ASP B 122 23.02 22.92 4.44
C ASP B 122 23.06 23.80 5.69
N GLU B 123 21.93 24.40 6.07
CA GLU B 123 21.82 25.14 7.31
C GLU B 123 20.43 24.88 7.89
N ASN B 124 20.29 25.13 9.19
CA ASN B 124 19.00 25.01 9.84
C ASN B 124 18.07 26.09 9.33
N ILE B 125 16.85 25.71 8.96
CA ILE B 125 15.88 26.61 8.36
C ILE B 125 15.00 27.14 9.48
N ALA B 126 15.11 28.44 9.77
CA ALA B 126 14.36 29.04 10.86
C ALA B 126 12.90 29.28 10.48
N ASP B 127 12.62 29.48 9.20
CA ASP B 127 11.26 29.74 8.71
C ASP B 127 10.90 28.63 7.73
N ARG B 128 10.43 27.49 8.27
CA ARG B 128 10.12 26.36 7.42
C ARG B 128 9.03 26.70 6.42
N GLY B 129 8.06 27.53 6.84
CA GLY B 129 6.99 27.91 5.93
C GLY B 129 7.50 28.66 4.72
N ALA B 130 8.54 29.48 4.91
CA ALA B 130 9.09 30.23 3.78
C ALA B 130 9.75 29.29 2.78
N ALA B 131 10.48 28.28 3.26
CA ALA B 131 11.09 27.31 2.36
C ALA B 131 10.01 26.50 1.61
N GLU B 132 9.00 26.03 2.34
CA GLU B 132 7.91 25.31 1.69
C GLU B 132 7.23 26.16 0.62
N LYS B 133 6.99 27.44 0.92
CA LYS B 133 6.34 28.32 -0.04
C LYS B 133 7.19 28.54 -1.28
N ALA B 134 8.50 28.39 -1.17
CA ALA B 134 9.41 28.67 -2.28
C ALA B 134 9.70 27.46 -3.14
N ILE B 135 9.12 26.29 -2.82
CA ILE B 135 9.35 25.04 -3.54
C ILE B 135 8.08 24.71 -4.30
N LYS B 136 8.16 24.69 -5.63
CA LYS B 136 7.01 24.43 -6.48
C LYS B 136 7.12 23.03 -7.05
N ILE B 137 6.15 22.17 -6.73
CA ILE B 137 6.07 20.82 -7.24
C ILE B 137 4.97 20.75 -8.28
N THR B 138 5.28 20.19 -9.44
CA THR B 138 4.29 19.94 -10.49
C THR B 138 4.25 18.45 -10.78
N THR B 139 3.05 17.90 -10.93
CA THR B 139 2.86 16.48 -11.16
C THR B 139 1.89 16.27 -12.32
N ASN B 140 2.23 15.33 -13.19
CA ASN B 140 1.39 14.97 -14.33
C ASN B 140 1.37 13.45 -14.48
N PRO B 141 0.24 12.78 -14.21
CA PRO B 141 -1.07 13.33 -13.78
C PRO B 141 -1.02 14.02 -12.42
N PRO B 142 -1.80 15.09 -12.25
CA PRO B 142 -1.78 15.80 -10.97
C PRO B 142 -2.16 14.88 -9.81
N VAL B 143 -1.54 15.13 -8.66
CA VAL B 143 -1.84 14.37 -7.44
C VAL B 143 -1.46 15.26 -6.25
N GLU B 144 -2.25 15.13 -5.18
CA GLU B 144 -2.02 15.94 -3.99
C GLU B 144 -0.85 15.41 -3.17
N GLY B 145 -0.07 16.34 -2.62
CA GLY B 145 1.04 15.99 -1.74
C GLY B 145 1.24 17.11 -0.73
N ALA B 146 2.13 16.85 0.23
CA ALA B 146 2.35 17.77 1.33
C ALA B 146 3.80 17.68 1.76
N PHE B 147 4.24 18.68 2.52
CA PHE B 147 5.59 18.78 3.04
C PHE B 147 5.67 18.22 4.45
N TYR B 148 6.85 17.68 4.79
CA TYR B 148 7.13 17.25 6.15
C TYR B 148 8.63 17.29 6.34
N TRP B 149 9.07 17.70 7.53
CA TRP B 149 10.49 17.90 7.82
C TRP B 149 11.02 16.72 8.62
N LEU B 150 12.05 16.07 8.08
CA LEU B 150 12.71 14.98 8.81
C LEU B 150 13.58 15.53 9.93
N ASN B 151 14.28 16.63 9.68
CA ASN B 151 15.12 17.28 10.66
C ASN B 151 15.05 18.78 10.40
N ASN B 152 15.98 19.52 11.00
CA ASN B 152 15.99 20.97 10.83
C ASN B 152 16.47 21.42 9.45
N ARG B 153 17.01 20.51 8.64
CA ARG B 153 17.64 20.88 7.39
C ARG B 153 17.03 20.25 6.15
N GLU B 154 16.26 19.16 6.29
CA GLU B 154 15.74 18.43 5.15
C GLU B 154 14.23 18.33 5.22
N VAL B 155 13.57 18.63 4.11
CA VAL B 155 12.11 18.57 4.00
C VAL B 155 11.76 17.62 2.86
N ARG B 156 10.66 16.89 3.04
CA ARG B 156 10.22 15.90 2.07
C ARG B 156 8.80 16.21 1.58
N TRP B 157 8.52 15.80 0.36
CA TRP B 157 7.21 16.03 -0.26
C TRP B 157 6.77 14.73 -0.93
N ARG B 158 5.59 14.23 -0.58
CA ARG B 158 5.09 12.99 -1.14
C ARG B 158 3.57 13.02 -1.14
N PRO B 159 2.92 12.14 -1.89
CA PRO B 159 1.46 12.04 -1.85
C PRO B 159 1.00 11.14 -0.71
N GLU B 160 -0.32 11.01 -0.58
CA GLU B 160 -0.89 10.12 0.43
C GLU B 160 -0.58 8.68 0.11
N HIS B 161 -0.82 8.27 -1.13
CA HIS B 161 -0.54 6.91 -1.60
C HIS B 161 0.68 6.92 -2.50
N PHE B 162 1.21 5.73 -2.77
CA PHE B 162 2.37 5.61 -3.65
C PHE B 162 2.08 6.25 -5.00
N TRP B 163 3.16 6.63 -5.69
CA TRP B 163 3.01 7.24 -7.00
C TRP B 163 2.39 6.23 -7.96
N LYS B 164 1.62 6.74 -8.91
CA LYS B 164 1.18 5.92 -10.03
C LYS B 164 2.30 5.83 -11.08
N PRO B 165 2.59 4.65 -11.61
CA PRO B 165 3.61 4.55 -12.66
C PRO B 165 3.32 5.51 -13.82
N GLY B 166 4.38 6.04 -14.39
CA GLY B 166 4.28 6.96 -15.51
C GLY B 166 4.11 8.42 -15.15
N THR B 167 4.12 8.74 -13.86
CA THR B 167 3.88 10.11 -13.44
C THR B 167 5.15 10.96 -13.59
N ALA B 168 4.97 12.18 -14.07
CA ALA B 168 6.05 13.14 -14.16
C ALA B 168 6.03 14.06 -12.95
N VAL B 169 7.23 14.38 -12.45
CA VAL B 169 7.38 15.25 -11.30
C VAL B 169 8.40 16.33 -11.64
N ASP B 170 8.04 17.59 -11.43
CA ASP B 170 8.91 18.73 -11.68
C ASP B 170 9.03 19.54 -10.40
N VAL B 171 10.27 19.76 -9.96
CA VAL B 171 10.56 20.47 -8.71
C VAL B 171 11.29 21.76 -9.04
N ALA B 172 10.76 22.88 -8.56
CA ALA B 172 11.36 24.20 -8.74
C ALA B 172 11.65 24.76 -7.35
N VAL B 173 12.91 24.69 -6.93
CA VAL B 173 13.34 25.24 -5.64
C VAL B 173 13.79 26.67 -5.90
N ASN B 174 12.86 27.61 -5.72
CA ASN B 174 13.09 29.01 -6.04
C ASN B 174 13.43 29.78 -4.76
N THR B 175 14.59 29.44 -4.19
CA THR B 175 14.99 29.99 -2.91
C THR B 175 15.90 31.21 -3.03
N TYR B 176 16.47 31.48 -4.19
CA TYR B 176 17.29 32.67 -4.34
C TYR B 176 16.46 33.91 -4.07
N GLY B 177 16.98 34.80 -3.23
CA GLY B 177 16.28 36.03 -2.88
C GLY B 177 15.16 35.86 -1.88
N VAL B 178 14.97 34.65 -1.34
CA VAL B 178 13.91 34.37 -0.40
C VAL B 178 14.51 34.36 1.01
N ASP B 179 13.85 35.06 1.93
CA ASP B 179 14.28 35.08 3.33
C ASP B 179 13.74 33.83 4.02
N LEU B 180 14.63 32.89 4.32
CA LEU B 180 14.28 31.63 4.97
C LEU B 180 14.34 31.72 6.48
N GLY B 181 14.31 32.92 7.03
CA GLY B 181 14.25 33.12 8.48
C GLY B 181 15.59 33.61 9.03
N GLU B 182 15.49 34.56 9.94
CA GLU B 182 16.66 35.03 10.70
C GLU B 182 17.78 35.52 9.78
N GLY B 183 17.40 36.23 8.73
CA GLY B 183 18.38 36.77 7.80
C GLY B 183 19.07 35.76 6.93
N MET B 184 18.58 34.51 6.91
N MET B 184 18.58 34.52 6.89
CA MET B 184 19.13 33.47 6.06
CA MET B 184 19.15 33.47 6.06
C MET B 184 18.42 33.53 4.72
C MET B 184 18.43 33.46 4.72
N PHE B 185 19.19 33.64 3.64
CA PHE B 185 18.65 33.71 2.29
C PHE B 185 19.20 32.58 1.44
N GLY B 186 18.45 32.22 0.40
CA GLY B 186 18.85 31.13 -0.47
C GLY B 186 20.08 31.51 -1.27
N GLU B 187 21.05 30.59 -1.34
CA GLU B 187 22.24 30.85 -2.14
C GLU B 187 21.94 30.80 -3.63
N ASP B 188 21.00 29.96 -4.04
CA ASP B 188 20.73 29.72 -5.45
C ASP B 188 19.39 29.05 -5.58
N ASN B 189 18.94 28.91 -6.83
CA ASN B 189 17.78 28.11 -7.18
C ASN B 189 18.22 26.74 -7.67
N VAL B 190 17.30 25.78 -7.59
CA VAL B 190 17.56 24.43 -8.09
C VAL B 190 16.31 23.92 -8.80
N GLN B 191 16.52 23.18 -9.89
CA GLN B 191 15.44 22.62 -10.69
C GLN B 191 15.79 21.17 -11.00
N THR B 192 14.84 20.26 -10.77
CA THR B 192 15.03 18.86 -11.10
C THR B 192 13.71 18.27 -11.57
N HIS B 193 13.79 17.36 -12.54
CA HIS B 193 12.63 16.68 -13.11
C HIS B 193 12.92 15.19 -13.18
N PHE B 194 11.96 14.37 -12.76
CA PHE B 194 12.13 12.93 -12.80
C PHE B 194 10.79 12.28 -13.06
N THR B 195 10.81 10.97 -13.26
CA THR B 195 9.64 10.21 -13.67
C THR B 195 9.50 8.95 -12.81
N ILE B 196 8.26 8.50 -12.65
CA ILE B 196 7.97 7.32 -11.86
C ILE B 196 7.90 6.12 -12.79
N GLY B 197 8.68 5.09 -12.50
CA GLY B 197 8.73 3.88 -13.29
C GLY B 197 7.80 2.80 -12.79
N ASP B 198 8.18 1.55 -13.07
CA ASP B 198 7.33 0.41 -12.71
C ASP B 198 7.10 0.37 -11.20
N GLU B 199 5.93 -0.13 -10.82
CA GLU B 199 5.63 -0.40 -9.42
C GLU B 199 6.35 -1.67 -8.99
N VAL B 200 7.18 -1.57 -7.96
CA VAL B 200 7.97 -2.69 -7.46
C VAL B 200 7.84 -2.68 -5.96
N ILE B 201 7.20 -3.70 -5.40
CA ILE B 201 6.94 -3.79 -3.96
C ILE B 201 7.39 -5.18 -3.50
N ALA B 202 8.37 -5.21 -2.59
CA ALA B 202 8.89 -6.44 -2.04
C ALA B 202 8.43 -6.55 -0.59
N THR B 203 7.75 -7.64 -0.26
CA THR B 203 7.21 -7.85 1.07
C THR B 203 7.98 -8.97 1.74
N ALA B 204 8.59 -8.67 2.89
CA ALA B 204 9.26 -9.67 3.72
C ALA B 204 8.32 -9.99 4.90
N ASP B 205 7.79 -11.21 4.92
CA ASP B 205 6.88 -11.66 5.97
C ASP B 205 7.68 -12.51 6.95
N ASP B 206 7.64 -12.12 8.23
CA ASP B 206 8.40 -12.85 9.24
C ASP B 206 7.73 -14.18 9.59
N ASN B 207 6.41 -14.28 9.40
CA ASN B 207 5.75 -15.57 9.67
C ASN B 207 6.19 -16.65 8.68
N THR B 208 6.52 -16.25 7.46
CA THR B 208 7.00 -17.19 6.45
C THR B 208 8.47 -17.05 6.14
N LYS B 209 9.07 -15.90 6.49
CA LYS B 209 10.50 -15.65 6.26
C LYS B 209 10.83 -15.72 4.77
N ILE B 210 9.89 -15.27 3.95
CA ILE B 210 10.08 -15.13 2.51
C ILE B 210 10.07 -13.64 2.17
N LEU B 211 10.95 -13.24 1.26
CA LEU B 211 10.94 -11.89 0.69
C LEU B 211 10.41 -12.00 -0.74
N THR B 212 9.18 -11.58 -0.94
CA THR B 212 8.49 -11.74 -2.21
C THR B 212 8.48 -10.42 -2.97
N VAL B 213 9.04 -10.43 -4.18
CA VAL B 213 9.12 -9.24 -5.02
C VAL B 213 7.96 -9.27 -6.00
N ARG B 214 7.18 -8.19 -6.03
N ARG B 214 7.18 -8.19 -6.03
CA ARG B 214 6.05 -8.05 -6.94
CA ARG B 214 6.05 -8.05 -6.94
C ARG B 214 6.29 -6.84 -7.83
C ARG B 214 6.29 -6.84 -7.83
N VAL B 215 6.30 -7.06 -9.14
CA VAL B 215 6.50 -6.01 -10.13
C VAL B 215 5.19 -5.82 -10.85
N ASN B 216 4.58 -4.65 -10.69
CA ASN B 216 3.30 -4.34 -11.30
C ASN B 216 2.25 -5.39 -10.95
N GLY B 217 2.30 -5.85 -9.70
CA GLY B 217 1.32 -6.77 -9.17
C GLY B 217 1.60 -8.23 -9.38
N GLU B 218 2.65 -8.59 -10.11
CA GLU B 218 2.95 -9.98 -10.43
C GLU B 218 4.14 -10.46 -9.61
N VAL B 219 4.00 -11.63 -8.99
CA VAL B 219 5.09 -12.25 -8.25
C VAL B 219 6.17 -12.67 -9.24
N VAL B 220 7.35 -12.05 -9.15
CA VAL B 220 8.45 -12.37 -10.06
C VAL B 220 9.63 -13.01 -9.35
N LYS B 221 9.63 -13.07 -8.02
CA LYS B 221 10.75 -13.66 -7.30
C LYS B 221 10.33 -13.92 -5.86
N SER B 222 10.76 -15.07 -5.34
CA SER B 222 10.53 -15.45 -3.94
C SER B 222 11.88 -15.79 -3.33
N MET B 223 12.34 -14.95 -2.38
CA MET B 223 13.66 -15.11 -1.81
C MET B 223 13.57 -15.59 -0.37
N PRO B 224 14.04 -16.78 -0.04
CA PRO B 224 14.21 -17.14 1.38
C PRO B 224 15.15 -16.14 2.05
N THR B 225 14.73 -15.63 3.20
CA THR B 225 15.49 -14.59 3.87
C THR B 225 15.63 -14.90 5.36
N SER B 226 16.67 -14.32 5.96
CA SER B 226 16.92 -14.40 7.39
C SER B 226 17.08 -12.97 7.90
N MET B 227 16.11 -12.51 8.70
CA MET B 227 16.11 -11.14 9.18
C MET B 227 16.79 -11.05 10.55
N GLY B 228 16.64 -9.92 11.22
CA GLY B 228 17.33 -9.74 12.48
C GLY B 228 16.83 -10.70 13.54
N LYS B 229 17.75 -11.19 14.37
CA LYS B 229 17.42 -12.06 15.48
C LYS B 229 16.65 -11.27 16.54
N ASP B 230 16.21 -11.98 17.58
CA ASP B 230 15.34 -11.37 18.59
C ASP B 230 16.02 -10.19 19.27
N SER B 231 17.31 -10.31 19.58
CA SER B 231 18.00 -9.25 20.30
C SER B 231 18.19 -8.01 19.41
N THR B 232 18.35 -8.19 18.11
CA THR B 232 18.53 -7.09 17.17
C THR B 232 17.60 -7.32 15.98
N PRO B 233 16.30 -7.14 16.19
CA PRO B 233 15.32 -7.54 15.17
C PRO B 233 15.16 -6.50 14.07
N THR B 234 14.69 -6.97 12.93
CA THR B 234 14.30 -6.08 11.83
C THR B 234 12.95 -5.46 12.14
N ALA B 235 12.88 -4.13 12.05
CA ALA B 235 11.64 -3.43 12.36
C ALA B 235 10.62 -3.60 11.23
N ASN B 236 9.35 -3.58 11.60
CA ASN B 236 8.27 -3.63 10.62
C ASN B 236 8.06 -2.25 10.00
N GLY B 237 7.32 -2.22 8.90
CA GLY B 237 6.93 -0.98 8.26
C GLY B 237 7.40 -0.93 6.82
N ILE B 238 7.32 0.28 6.26
CA ILE B 238 7.62 0.52 4.85
C ILE B 238 9.01 1.12 4.75
N TYR B 239 9.84 0.52 3.91
CA TYR B 239 11.18 1.03 3.63
C TYR B 239 11.25 1.48 2.18
N ILE B 240 11.86 2.64 1.94
CA ILE B 240 12.11 3.13 0.59
C ILE B 240 13.50 2.67 0.16
N VAL B 241 13.59 2.11 -1.06
CA VAL B 241 14.89 1.65 -1.55
C VAL B 241 15.76 2.86 -1.87
N GLY B 242 17.02 2.81 -1.44
CA GLY B 242 17.96 3.89 -1.69
C GLY B 242 19.07 3.50 -2.63
N SER B 243 20.30 3.51 -2.14
CA SER B 243 21.46 3.25 -2.99
C SER B 243 21.73 1.75 -3.12
N ARG B 244 22.37 1.39 -4.24
CA ARG B 244 22.76 0.01 -4.53
C ARG B 244 24.28 -0.07 -4.61
N TYR B 245 24.84 -1.11 -4.00
CA TYR B 245 26.29 -1.29 -3.94
C TYR B 245 26.64 -2.68 -4.42
N LYS B 246 27.46 -2.76 -5.47
CA LYS B 246 28.02 -4.05 -5.87
C LYS B 246 28.80 -4.71 -4.73
N HIS B 247 29.45 -3.91 -3.90
CA HIS B 247 30.14 -4.39 -2.72
C HIS B 247 30.31 -3.20 -1.77
N ILE B 248 30.20 -3.48 -0.47
CA ILE B 248 30.29 -2.41 0.53
C ILE B 248 30.86 -2.98 1.82
N ILE B 249 31.54 -2.12 2.58
CA ILE B 249 32.05 -2.47 3.89
C ILE B 249 31.01 -2.05 4.91
N MET B 250 30.17 -2.99 5.33
CA MET B 250 29.21 -2.73 6.38
C MET B 250 29.93 -2.30 7.64
N ASP B 251 29.83 -1.03 8.02
CA ASP B 251 30.49 -0.49 9.22
C ASP B 251 29.40 0.02 10.16
N SER B 252 29.26 -0.62 11.32
CA SER B 252 28.18 -0.28 12.24
C SER B 252 28.36 1.11 12.86
N SER B 253 29.57 1.66 12.84
CA SER B 253 29.75 3.02 13.36
C SER B 253 29.06 4.05 12.49
N THR B 254 28.93 3.77 11.19
CA THR B 254 28.18 4.67 10.31
C THR B 254 26.75 4.87 10.82
N TYR B 255 26.19 3.87 11.52
CA TYR B 255 24.81 3.90 12.00
C TYR B 255 24.72 4.03 13.51
N GLY B 256 25.81 4.40 14.18
CA GLY B 256 25.78 4.78 15.57
C GLY B 256 26.25 3.76 16.56
N VAL B 257 26.61 2.56 16.12
CA VAL B 257 27.00 1.48 17.02
C VAL B 257 28.50 1.27 16.88
N PRO B 258 29.28 1.35 17.97
CA PRO B 258 30.72 1.10 17.85
C PRO B 258 30.99 -0.31 17.32
N VAL B 259 31.98 -0.42 16.44
CA VAL B 259 32.34 -1.72 15.89
C VAL B 259 32.74 -2.68 17.00
N ASN B 260 33.44 -2.17 18.02
CA ASN B 260 33.94 -3.01 19.10
C ASN B 260 32.86 -3.44 20.07
N SER B 261 31.65 -2.91 19.97
CA SER B 261 30.58 -3.23 20.90
C SER B 261 29.92 -4.55 20.50
N PRO B 262 29.06 -5.09 21.36
CA PRO B 262 28.49 -6.42 21.06
C PRO B 262 27.68 -6.45 19.76
N ASN B 263 26.84 -5.45 19.54
CA ASN B 263 26.02 -5.39 18.33
C ASN B 263 26.73 -4.73 17.17
N GLY B 264 28.00 -4.36 17.34
CA GLY B 264 28.76 -3.78 16.24
C GLY B 264 29.30 -4.83 15.29
N TYR B 265 29.65 -4.37 14.08
CA TYR B 265 30.12 -5.27 13.04
C TYR B 265 30.93 -4.49 12.02
N ARG B 266 31.84 -5.19 11.35
CA ARG B 266 32.58 -4.63 10.23
C ARG B 266 32.97 -5.79 9.32
N THR B 267 32.20 -5.98 8.25
CA THR B 267 32.45 -7.05 7.29
C THR B 267 32.15 -6.58 5.88
N ASP B 268 32.90 -7.08 4.91
CA ASP B 268 32.63 -6.82 3.51
C ASP B 268 31.42 -7.61 3.06
N VAL B 269 30.58 -6.98 2.24
CA VAL B 269 29.30 -7.55 1.84
C VAL B 269 29.06 -7.25 0.36
N ASP B 270 28.50 -8.23 -0.34
CA ASP B 270 28.26 -8.11 -1.77
C ASP B 270 26.80 -7.77 -2.06
N TRP B 271 26.56 -7.15 -3.22
CA TRP B 271 25.22 -6.86 -3.70
C TRP B 271 24.30 -6.35 -2.61
N ALA B 272 24.56 -5.14 -2.13
CA ALA B 272 23.84 -4.58 -0.98
C ALA B 272 22.95 -3.43 -1.46
N THR B 273 21.66 -3.53 -1.16
CA THR B 273 20.70 -2.47 -1.43
C THR B 273 20.22 -1.90 -0.10
N GLN B 274 20.53 -0.61 0.12
CA GLN B 274 20.14 0.06 1.36
C GLN B 274 18.65 0.39 1.33
N ILE B 275 18.00 0.24 2.48
CA ILE B 275 16.58 0.57 2.56
C ILE B 275 16.27 1.33 3.83
N SER B 276 17.29 1.74 4.57
CA SER B 276 17.09 2.65 5.70
C SER B 276 18.42 3.31 6.06
N TYR B 277 18.33 4.56 6.51
CA TYR B 277 19.52 5.25 7.02
C TYR B 277 20.05 4.56 8.26
N SER B 278 19.20 3.84 8.99
CA SER B 278 19.62 3.13 10.19
C SER B 278 20.51 1.94 9.90
N GLY B 279 20.69 1.57 8.65
CA GLY B 279 21.59 0.52 8.26
C GLY B 279 20.96 -0.81 7.87
N VAL B 280 19.68 -0.83 7.53
CA VAL B 280 19.06 -2.06 7.04
C VAL B 280 19.34 -2.20 5.56
N PHE B 281 19.88 -3.34 5.17
CA PHE B 281 20.22 -3.63 3.79
C PHE B 281 19.59 -4.96 3.36
N VAL B 282 19.39 -5.10 2.05
CA VAL B 282 19.19 -6.39 1.41
C VAL B 282 20.52 -6.74 0.74
N HIS B 283 21.15 -7.83 1.17
CA HIS B 283 22.50 -8.12 0.73
C HIS B 283 22.73 -9.63 0.68
N SER B 284 23.86 -10.00 0.07
CA SER B 284 24.24 -11.40 -0.03
C SER B 284 24.80 -11.89 1.29
N ALA B 285 24.25 -13.01 1.79
CA ALA B 285 24.66 -13.61 3.05
C ALA B 285 24.88 -15.09 2.83
N PRO B 286 26.01 -15.48 2.23
CA PRO B 286 26.29 -16.91 2.04
C PRO B 286 26.47 -17.67 3.34
N TRP B 287 26.86 -16.99 4.43
CA TRP B 287 27.10 -17.66 5.70
C TRP B 287 25.81 -18.07 6.39
N SER B 288 24.66 -17.54 5.97
CA SER B 288 23.38 -17.83 6.62
C SER B 288 22.38 -18.46 5.64
N VAL B 289 22.89 -19.14 4.62
CA VAL B 289 22.01 -19.73 3.62
C VAL B 289 21.11 -20.78 4.25
N GLY B 290 21.63 -21.53 5.21
CA GLY B 290 20.82 -22.54 5.87
C GLY B 290 19.68 -21.96 6.68
N ALA B 291 19.90 -20.79 7.29
CA ALA B 291 18.87 -20.18 8.12
C ALA B 291 17.87 -19.38 7.31
N GLN B 292 18.23 -18.94 6.11
CA GLN B 292 17.30 -18.20 5.26
C GLN B 292 16.04 -19.02 5.00
N GLY B 293 14.89 -18.46 5.37
CA GLY B 293 13.64 -19.16 5.27
C GLY B 293 13.27 -19.98 6.47
N HIS B 294 14.04 -19.91 7.56
CA HIS B 294 13.76 -20.71 8.73
C HIS B 294 13.91 -19.92 10.03
N THR B 295 15.09 -19.32 10.25
CA THR B 295 15.36 -18.61 11.48
C THR B 295 16.05 -17.29 11.18
N ASN B 296 15.91 -16.35 12.11
CA ASN B 296 16.52 -15.03 12.00
C ASN B 296 17.85 -15.02 12.74
N THR B 297 18.90 -14.52 12.08
CA THR B 297 20.24 -14.55 12.67
C THR B 297 21.04 -13.29 12.41
N SER B 298 20.46 -12.26 11.81
CA SER B 298 21.21 -11.08 11.39
C SER B 298 21.13 -9.98 12.45
N HIS B 299 21.78 -8.86 12.16
CA HIS B 299 21.73 -7.67 13.01
C HIS B 299 20.55 -6.77 12.68
N GLY B 300 19.71 -7.16 11.73
CA GLY B 300 18.60 -6.34 11.30
C GLY B 300 18.42 -6.33 9.80
N CYS B 301 19.49 -6.65 9.07
CA CYS B 301 19.44 -6.68 7.63
C CYS B 301 18.65 -7.88 7.14
N LEU B 302 18.22 -7.81 5.89
CA LEU B 302 17.50 -8.91 5.24
C LEU B 302 18.54 -9.78 4.52
N ASN B 303 18.96 -10.85 5.18
CA ASN B 303 19.90 -11.78 4.56
C ASN B 303 19.21 -12.59 3.48
N VAL B 304 19.82 -12.64 2.30
CA VAL B 304 19.39 -13.51 1.21
C VAL B 304 20.63 -14.12 0.56
N SER B 305 20.41 -15.10 -0.31
CA SER B 305 21.50 -15.78 -0.97
C SER B 305 22.23 -14.84 -1.93
N PRO B 306 23.43 -15.20 -2.36
CA PRO B 306 24.13 -14.35 -3.34
C PRO B 306 23.34 -14.12 -4.62
N SER B 307 22.74 -15.18 -5.18
CA SER B 307 22.01 -15.02 -6.43
C SER B 307 20.81 -14.11 -6.25
N ASN B 308 20.11 -14.26 -5.13
CA ASN B 308 18.94 -13.40 -4.87
C ASN B 308 19.35 -11.97 -4.55
N ALA B 309 20.48 -11.77 -3.87
CA ALA B 309 20.97 -10.42 -3.63
C ALA B 309 21.27 -9.72 -4.96
N GLN B 310 22.04 -10.37 -5.82
CA GLN B 310 22.37 -9.77 -7.11
C GLN B 310 21.11 -9.51 -7.93
N TRP B 311 20.17 -10.44 -7.92
CA TRP B 311 18.89 -10.22 -8.59
C TRP B 311 18.21 -8.96 -8.07
N PHE B 312 18.23 -8.77 -6.74
CA PHE B 312 17.65 -7.57 -6.16
C PHE B 312 18.40 -6.32 -6.63
N TYR B 313 19.73 -6.41 -6.71
CA TYR B 313 20.52 -5.29 -7.20
C TYR B 313 20.12 -4.91 -8.61
N ASP B 314 19.79 -5.90 -9.45
CA ASP B 314 19.58 -5.62 -10.86
C ASP B 314 18.17 -5.10 -11.13
N HIS B 315 17.17 -5.65 -10.44
CA HIS B 315 15.78 -5.40 -10.77
C HIS B 315 15.10 -4.40 -9.85
N VAL B 316 15.79 -3.89 -8.85
CA VAL B 316 15.22 -2.91 -7.94
C VAL B 316 15.96 -1.59 -8.09
N LYS B 317 15.24 -0.48 -7.92
CA LYS B 317 15.79 0.84 -8.15
C LYS B 317 15.41 1.77 -7.02
N ARG B 318 16.12 2.90 -6.95
CA ARG B 318 15.80 3.96 -6.01
C ARG B 318 14.31 4.28 -6.09
N GLY B 319 13.66 4.30 -4.94
CA GLY B 319 12.25 4.62 -4.86
C GLY B 319 11.33 3.43 -4.75
N ASP B 320 11.82 2.22 -4.99
CA ASP B 320 10.99 1.03 -4.81
C ASP B 320 10.76 0.79 -3.32
N ILE B 321 9.86 -0.16 -3.03
CA ILE B 321 9.37 -0.35 -1.68
C ILE B 321 9.76 -1.72 -1.18
N VAL B 322 10.24 -1.78 0.06
CA VAL B 322 10.38 -3.02 0.82
C VAL B 322 9.54 -2.87 2.07
N GLU B 323 8.56 -3.75 2.26
CA GLU B 323 7.72 -3.73 3.44
C GLU B 323 7.98 -4.96 4.29
N VAL B 324 8.19 -4.75 5.59
CA VAL B 324 8.45 -5.82 6.54
C VAL B 324 7.25 -5.92 7.49
N VAL B 325 6.83 -7.15 7.79
CA VAL B 325 5.64 -7.39 8.59
C VAL B 325 5.86 -8.61 9.47
N ASN B 326 5.18 -8.61 10.62
CA ASN B 326 5.11 -9.72 11.56
C ASN B 326 6.43 -10.03 12.25
N THR B 327 7.39 -9.11 12.21
CA THR B 327 8.60 -9.30 13.01
C THR B 327 8.32 -8.95 14.47
N VAL B 328 9.25 -9.34 15.35
CA VAL B 328 9.10 -9.04 16.77
C VAL B 328 9.63 -7.65 17.13
N GLY B 329 10.08 -6.88 16.15
CA GLY B 329 10.56 -5.54 16.38
C GLY B 329 9.44 -4.51 16.33
N GLY B 330 9.82 -3.25 16.43
CA GLY B 330 8.89 -2.15 16.36
C GLY B 330 8.60 -1.77 14.93
N THR B 331 8.18 -0.51 14.75
CA THR B 331 7.95 0.07 13.44
C THR B 331 9.08 1.01 13.08
N LEU B 332 9.49 0.99 11.82
CA LEU B 332 10.60 1.83 11.38
C LEU B 332 10.25 3.30 11.59
N PRO B 333 11.15 4.08 12.19
CA PRO B 333 10.84 5.51 12.41
C PRO B 333 10.47 6.21 11.11
N GLY B 334 9.43 7.05 11.18
CA GLY B 334 9.00 7.78 10.00
C GLY B 334 9.98 8.83 9.52
N ILE B 335 10.87 9.29 10.39
CA ILE B 335 11.91 10.26 10.03
C ILE B 335 13.28 9.61 9.86
N ASP B 336 13.30 8.32 9.59
CA ASP B 336 14.56 7.61 9.40
C ASP B 336 15.36 8.25 8.28
N GLY B 337 14.68 8.67 7.21
CA GLY B 337 15.36 9.08 6.00
C GLY B 337 14.85 8.31 4.81
N LEU B 338 14.40 7.07 5.07
CA LEU B 338 13.75 6.24 4.06
C LEU B 338 12.46 5.63 4.59
N GLY B 339 11.95 6.15 5.71
CA GLY B 339 10.72 5.61 6.28
C GLY B 339 9.56 6.58 6.22
N ASP B 340 9.55 7.43 5.20
CA ASP B 340 8.56 8.51 5.12
C ASP B 340 7.13 7.97 5.20
N TRP B 341 6.87 6.81 4.60
CA TRP B 341 5.51 6.30 4.54
C TRP B 341 5.01 5.74 5.86
N ASN B 342 5.89 5.53 6.84
CA ASN B 342 5.44 5.09 8.16
C ASN B 342 4.76 6.20 8.95
N ILE B 343 4.80 7.43 8.47
CA ILE B 343 4.03 8.52 9.08
C ILE B 343 2.61 8.50 8.52
N PRO B 344 1.58 8.43 9.36
CA PRO B 344 0.21 8.49 8.84
C PRO B 344 -0.01 9.77 8.03
N TRP B 345 -0.83 9.67 6.99
CA TRP B 345 -1.02 10.80 6.09
C TRP B 345 -1.55 12.03 6.80
N ASP B 346 -2.38 11.85 7.84
CA ASP B 346 -2.89 13.02 8.56
C ASP B 346 -1.77 13.75 9.28
N GLN B 347 -0.88 13.02 9.95
CA GLN B 347 0.29 13.65 10.57
C GLN B 347 1.18 14.28 9.52
N TRP B 348 1.34 13.61 8.37
CA TRP B 348 2.22 14.12 7.33
C TRP B 348 1.64 15.36 6.67
N ARG B 349 0.35 15.32 6.34
CA ARG B 349 -0.27 16.46 5.68
C ARG B 349 -0.26 17.69 6.58
N ALA B 350 -0.61 17.51 7.86
CA ALA B 350 -0.57 18.63 8.80
C ALA B 350 0.80 19.27 8.82
N GLY B 351 1.85 18.46 8.79
CA GLY B 351 3.21 18.96 8.72
C GLY B 351 3.72 19.49 10.04
N ASN B 352 5.01 19.84 10.04
CA ASN B 352 5.69 20.41 11.20
C ASN B 352 6.38 21.71 10.82
N ALA B 353 5.75 22.50 9.96
CA ALA B 353 6.30 23.80 9.61
C ALA B 353 6.22 24.78 10.78
N LYS B 354 5.28 24.57 11.69
CA LYS B 354 5.06 25.50 12.81
C LYS B 354 4.77 26.89 12.29
#